data_7F8H
#
_entry.id   7F8H
#
_cell.length_a   144.281
_cell.length_b   50.420
_cell.length_c   144.281
_cell.angle_alpha   90.000
_cell.angle_beta   101.850
_cell.angle_gamma   90.000
#
_symmetry.space_group_name_H-M   'I 1 2 1'
#
loop_
_entity.id
_entity.type
_entity.pdbx_description
1 polymer 'Eyes absent homolog 2'
2 non-polymer 3-fluoranyl-~{N}-[(~{E})-(5-pyridin-2-ylsulfanylfuran-2-yl)methylideneamino]benzamide
#
_entity_poly.entity_id   1
_entity_poly.type   'polypeptide(L)'
_entity_poly.pdbx_seq_one_letter_code
;GPLGSPEFSKRSSDPSPAGDNEIERVFVWDLDETIIIFHSLLTGTFASRYGKDTTTSVRIGLMMEEMIFNLADTHLFFND
LEDCDQIHVDDVSSDDNGQDLSTYNFSADGFHSSAPGANLCLGSGVHGGVDWMRKLAFRYRRVKEMYNTYKNNVGGLIGT
PKRETWLQLRAELEALTDLWLTHSLKALNLINSRPNCVNVLVTTTQLIPALAKVLLYGLGSVFPIENIYSATKTGKESCF
ERIMQRFGRKAVYVVIGDGVEEEQGAKKHNMPFWRISCHADLEALRHALELEYL
;
_entity_poly.pdbx_strand_id   B,A,C
#
loop_
_chem_comp.id
_chem_comp.type
_chem_comp.name
_chem_comp.formula
1SI non-polymer 3-fluoranyl-~{N}-[(~{E})-(5-pyridin-2-ylsulfanylfuran-2-yl)methylideneamino]benzamide 'C17 H12 F N3 O2 S'
#
# COMPACT_ATOMS: atom_id res chain seq x y z
N ASN A 21 27.61 -32.19 -25.14
CA ASN A 21 28.90 -31.53 -25.29
C ASN A 21 30.04 -32.49 -24.95
N GLU A 22 31.27 -31.99 -25.01
CA GLU A 22 32.46 -32.76 -24.69
C GLU A 22 32.84 -32.66 -23.21
N ILE A 23 31.94 -32.15 -22.37
CA ILE A 23 32.23 -31.98 -20.95
C ILE A 23 32.20 -33.34 -20.26
N GLU A 24 33.13 -33.54 -19.33
CA GLU A 24 33.24 -34.81 -18.62
C GLU A 24 32.44 -34.85 -17.33
N ARG A 25 32.39 -33.74 -16.58
CA ARG A 25 31.60 -33.69 -15.35
C ARG A 25 30.52 -32.63 -15.49
N VAL A 26 29.32 -32.98 -15.00
CA VAL A 26 28.17 -32.10 -15.06
C VAL A 26 27.65 -31.90 -13.64
N PHE A 27 27.46 -30.64 -13.25
CA PHE A 27 27.00 -30.29 -11.92
C PHE A 27 25.60 -29.71 -12.02
N VAL A 28 24.61 -30.44 -11.53
CA VAL A 28 23.23 -30.00 -11.53
C VAL A 28 22.96 -29.28 -10.22
N TRP A 29 22.52 -28.02 -10.30
CA TRP A 29 22.25 -27.20 -9.14
C TRP A 29 20.74 -27.09 -8.93
N ASP A 30 20.33 -27.16 -7.67
CA ASP A 30 18.94 -26.93 -7.26
C ASP A 30 18.99 -25.82 -6.22
N LEU A 31 19.12 -24.59 -6.71
CA LEU A 31 19.26 -23.42 -5.85
C LEU A 31 17.92 -22.83 -5.43
N ASP A 32 16.83 -23.59 -5.57
CA ASP A 32 15.59 -23.24 -4.90
C ASP A 32 15.79 -23.35 -3.38
N GLU A 33 14.84 -22.79 -2.64
CA GLU A 33 14.84 -22.77 -1.17
C GLU A 33 15.98 -21.94 -0.60
N THR A 34 16.84 -21.37 -1.44
CA THR A 34 17.96 -20.55 -0.95
C THR A 34 18.19 -19.33 -1.84
N ILE A 35 18.01 -19.47 -3.15
CA ILE A 35 18.32 -18.39 -4.08
C ILE A 35 17.15 -18.12 -5.01
N ILE A 36 16.75 -19.12 -5.80
CA ILE A 36 15.69 -18.94 -6.79
C ILE A 36 14.36 -18.75 -6.09
N ILE A 37 13.82 -19.80 -5.49
CA ILE A 37 12.60 -19.72 -4.71
C ILE A 37 13.03 -19.58 -3.25
N PHE A 38 13.27 -18.35 -2.82
CA PHE A 38 13.63 -18.10 -1.43
C PHE A 38 12.36 -17.84 -0.61
N HIS A 39 11.46 -18.81 -0.65
CA HIS A 39 10.18 -18.70 0.02
C HIS A 39 10.30 -18.67 1.54
N SER A 40 11.49 -18.94 2.07
CA SER A 40 11.72 -18.75 3.50
C SER A 40 11.74 -17.27 3.87
N LEU A 41 12.06 -16.40 2.91
CA LEU A 41 12.07 -14.97 3.15
C LEU A 41 10.67 -14.45 3.45
N LEU A 42 9.75 -14.62 2.51
CA LEU A 42 8.41 -14.05 2.65
C LEU A 42 7.63 -14.68 3.80
N THR A 43 7.83 -15.97 4.05
CA THR A 43 7.14 -16.62 5.15
C THR A 43 7.66 -16.17 6.51
N GLY A 44 8.85 -15.58 6.57
CA GLY A 44 9.46 -15.22 7.83
C GLY A 44 10.17 -16.35 8.55
N THR A 45 10.16 -17.56 7.98
CA THR A 45 10.85 -18.68 8.61
C THR A 45 12.36 -18.50 8.63
N PHE A 46 12.90 -17.78 7.65
CA PHE A 46 14.35 -17.55 7.62
C PHE A 46 14.80 -16.77 8.85
N ALA A 47 14.04 -15.74 9.24
CA ALA A 47 14.40 -14.95 10.41
C ALA A 47 14.26 -15.75 11.69
N SER A 48 13.32 -16.70 11.74
CA SER A 48 13.17 -17.52 12.93
C SER A 48 14.30 -18.53 13.04
N ARG A 49 14.69 -19.14 11.92
CA ARG A 49 15.75 -20.14 11.94
C ARG A 49 17.10 -19.51 12.31
N TYR A 50 17.41 -18.35 11.74
CA TYR A 50 18.73 -17.75 11.87
C TYR A 50 18.75 -16.53 12.78
N GLY A 51 17.68 -16.28 13.52
CA GLY A 51 17.68 -15.20 14.50
C GLY A 51 17.81 -13.81 13.91
N LYS A 52 17.12 -13.55 12.80
CA LYS A 52 17.14 -12.25 12.15
C LYS A 52 15.81 -11.55 12.39
N ASP A 53 15.77 -10.26 12.01
CA ASP A 53 14.55 -9.48 12.15
C ASP A 53 13.57 -9.91 11.07
N THR A 54 12.38 -10.35 11.48
CA THR A 54 11.41 -10.90 10.54
C THR A 54 10.93 -9.83 9.57
N THR A 55 10.57 -8.65 10.08
CA THR A 55 9.97 -7.63 9.23
C THR A 55 10.95 -7.12 8.19
N THR A 56 12.23 -6.98 8.56
CA THR A 56 13.22 -6.54 7.58
C THR A 56 13.39 -7.56 6.46
N SER A 57 13.37 -8.85 6.79
CA SER A 57 13.55 -9.88 5.78
C SER A 57 12.38 -9.91 4.80
N VAL A 58 11.15 -9.79 5.30
CA VAL A 58 9.98 -9.84 4.42
C VAL A 58 9.98 -8.66 3.46
N ARG A 59 10.35 -7.47 3.93
CA ARG A 59 10.41 -6.30 3.06
C ARG A 59 11.42 -6.49 1.93
N ILE A 60 12.59 -7.06 2.23
CA ILE A 60 13.61 -7.25 1.21
C ILE A 60 13.16 -8.27 0.17
N GLY A 61 12.48 -9.34 0.60
CA GLY A 61 12.02 -10.33 -0.35
C GLY A 61 10.93 -9.80 -1.26
N LEU A 62 10.02 -8.98 -0.71
CA LEU A 62 8.94 -8.43 -1.52
C LEU A 62 9.47 -7.42 -2.54
N MET A 63 10.50 -6.66 -2.18
CA MET A 63 11.08 -5.72 -3.13
C MET A 63 11.84 -6.45 -4.24
N MET A 64 12.55 -7.52 -3.88
CA MET A 64 13.22 -8.36 -4.89
C MET A 64 12.22 -8.93 -5.87
N GLU A 65 11.14 -9.53 -5.38
CA GLU A 65 10.13 -10.10 -6.25
C GLU A 65 9.52 -9.06 -7.17
N GLU A 66 9.54 -7.78 -6.77
CA GLU A 66 9.03 -6.72 -7.63
C GLU A 66 10.05 -6.33 -8.70
N MET A 67 11.30 -6.07 -8.28
CA MET A 67 12.35 -5.72 -9.25
C MET A 67 12.51 -6.78 -10.32
N ILE A 68 12.24 -8.04 -9.98
CA ILE A 68 12.33 -9.13 -10.95
C ILE A 68 11.23 -8.97 -12.00
N PHE A 69 9.97 -8.90 -11.55
CA PHE A 69 8.86 -8.80 -12.48
C PHE A 69 8.86 -7.48 -13.26
N ASN A 70 9.33 -6.39 -12.64
CA ASN A 70 9.47 -5.15 -13.38
C ASN A 70 10.51 -5.29 -14.49
N LEU A 71 11.48 -6.19 -14.29
CA LEU A 71 12.45 -6.50 -15.34
C LEU A 71 11.87 -7.49 -16.35
N ALA A 72 11.15 -8.51 -15.86
CA ALA A 72 10.61 -9.53 -16.75
C ALA A 72 9.45 -9.00 -17.57
N ASP A 73 8.60 -8.15 -16.99
CA ASP A 73 7.44 -7.65 -17.71
C ASP A 73 7.82 -6.62 -18.76
N THR A 74 8.94 -5.93 -18.58
CA THR A 74 9.36 -4.88 -19.50
C THR A 74 10.44 -5.31 -20.47
N HIS A 75 10.94 -6.55 -20.37
CA HIS A 75 12.01 -7.00 -21.25
C HIS A 75 11.87 -8.42 -21.76
N LEU A 76 11.26 -9.35 -21.01
CA LEU A 76 11.25 -10.77 -21.39
C LEU A 76 9.85 -11.29 -21.70
N PHE A 77 8.88 -10.41 -21.92
CA PHE A 77 7.55 -10.78 -22.38
C PHE A 77 6.86 -11.75 -21.40
N PHE A 78 6.89 -11.38 -20.11
CA PHE A 78 6.27 -12.23 -19.09
C PHE A 78 4.77 -12.37 -19.34
N ASN A 79 4.05 -11.24 -19.34
CA ASN A 79 2.59 -11.26 -19.50
C ASN A 79 2.16 -12.06 -20.72
N ASP A 80 3.00 -12.15 -21.75
CA ASP A 80 2.70 -12.98 -22.90
C ASP A 80 2.95 -14.47 -22.62
N LEU A 81 4.05 -14.80 -21.95
CA LEU A 81 4.49 -16.17 -21.78
C LEU A 81 4.22 -16.72 -20.39
N GLU A 82 3.25 -16.17 -19.66
CA GLU A 82 2.98 -16.63 -18.30
C GLU A 82 2.42 -18.05 -18.29
N ASP A 83 1.42 -18.31 -19.14
CA ASP A 83 0.85 -19.65 -19.24
C ASP A 83 1.62 -20.55 -20.21
N CYS A 84 2.27 -19.98 -21.21
CA CYS A 84 3.05 -20.76 -22.17
C CYS A 84 4.37 -21.17 -21.52
N ASP A 85 4.24 -21.96 -20.45
CA ASP A 85 5.38 -22.38 -19.64
C ASP A 85 6.11 -23.52 -20.36
N GLN A 86 7.15 -23.16 -21.10
CA GLN A 86 8.02 -24.18 -21.67
C GLN A 86 8.98 -24.69 -20.61
N ILE A 87 9.83 -25.63 -21.00
CA ILE A 87 10.78 -26.23 -20.07
C ILE A 87 12.22 -25.85 -20.40
N HIS A 88 12.56 -25.67 -21.67
CA HIS A 88 13.86 -25.20 -22.09
C HIS A 88 13.66 -24.06 -23.07
N VAL A 89 14.68 -23.20 -23.18
CA VAL A 89 14.55 -22.06 -24.09
C VAL A 89 14.55 -22.57 -25.53
N ASP A 90 15.31 -23.63 -25.80
CA ASP A 90 15.39 -24.23 -27.12
C ASP A 90 14.35 -25.34 -27.32
N ASP A 91 13.27 -25.34 -26.51
CA ASP A 91 12.27 -26.39 -26.64
C ASP A 91 11.44 -26.21 -27.89
N VAL A 92 11.03 -24.98 -28.19
CA VAL A 92 10.26 -24.68 -29.38
C VAL A 92 11.15 -24.19 -30.52
N SER A 93 12.43 -24.55 -30.51
CA SER A 93 13.36 -24.11 -31.55
C SER A 93 13.01 -24.65 -32.93
N SER A 94 12.03 -25.55 -33.04
CA SER A 94 11.70 -26.13 -34.33
C SER A 94 10.84 -25.21 -35.19
N ASP A 95 9.93 -24.47 -34.57
CA ASP A 95 8.94 -23.69 -35.30
C ASP A 95 9.40 -22.28 -35.66
N ASP A 96 10.68 -21.98 -35.51
CA ASP A 96 11.16 -20.61 -35.69
C ASP A 96 11.59 -20.42 -37.14
N ASN A 97 10.81 -19.66 -37.90
CA ASN A 97 11.31 -19.20 -39.20
C ASN A 97 12.35 -18.12 -38.94
N GLY A 98 13.63 -18.52 -38.91
CA GLY A 98 14.69 -17.64 -38.47
C GLY A 98 14.89 -16.43 -39.34
N GLN A 99 14.53 -15.26 -38.83
CA GLN A 99 14.57 -14.03 -39.61
C GLN A 99 14.97 -12.88 -38.72
N ASP A 100 15.62 -11.88 -39.31
CA ASP A 100 16.05 -10.69 -38.59
C ASP A 100 14.84 -9.86 -38.18
N LEU A 101 14.50 -9.91 -36.89
CA LEU A 101 13.31 -9.25 -36.35
C LEU A 101 13.67 -8.01 -35.54
N SER A 102 14.73 -7.30 -35.94
CA SER A 102 15.12 -6.08 -35.24
C SER A 102 14.04 -5.00 -35.31
N THR A 103 13.17 -5.06 -36.33
CA THR A 103 12.07 -4.11 -36.46
C THR A 103 10.73 -4.68 -36.04
N TYR A 104 10.67 -5.98 -35.72
CA TYR A 104 9.44 -6.65 -35.33
C TYR A 104 8.84 -6.08 -34.06
N ASN A 105 7.68 -5.44 -34.18
CA ASN A 105 6.99 -4.82 -33.04
C ASN A 105 6.12 -5.87 -32.37
N PHE A 106 6.57 -6.38 -31.22
CA PHE A 106 5.84 -7.44 -30.53
C PHE A 106 4.50 -6.96 -29.98
N SER A 107 4.38 -5.67 -29.66
CA SER A 107 3.12 -5.16 -29.13
C SER A 107 2.01 -5.12 -30.17
N ALA A 108 2.35 -5.12 -31.46
CA ALA A 108 1.37 -5.05 -32.55
C ALA A 108 1.49 -6.32 -33.38
N ASP A 109 0.91 -7.41 -32.88
CA ASP A 109 0.85 -8.66 -33.63
C ASP A 109 -0.39 -9.43 -33.19
N GLY A 110 -0.59 -10.59 -33.80
CA GLY A 110 -1.72 -11.43 -33.48
C GLY A 110 -1.54 -12.30 -32.26
N PHE A 111 -0.79 -11.79 -31.28
CA PHE A 111 -0.50 -12.54 -30.05
C PHE A 111 -1.52 -12.19 -28.98
N HIS A 112 -2.02 -13.22 -28.30
CA HIS A 112 -2.99 -13.03 -27.22
C HIS A 112 -3.00 -14.24 -26.29
N VAL A 130 0.45 -23.34 -35.82
CA VAL A 130 1.69 -23.17 -36.58
C VAL A 130 2.01 -21.69 -36.74
N ASP A 131 0.97 -20.86 -36.81
CA ASP A 131 1.19 -19.42 -36.92
C ASP A 131 1.40 -18.76 -35.56
N TRP A 132 0.91 -19.39 -34.48
CA TRP A 132 1.12 -18.89 -33.14
C TRP A 132 2.45 -19.38 -32.56
N MET A 133 2.81 -20.64 -32.83
CA MET A 133 4.10 -21.16 -32.40
C MET A 133 5.25 -20.42 -33.05
N ARG A 134 5.06 -19.96 -34.28
CA ARG A 134 6.07 -19.14 -34.93
C ARG A 134 6.21 -17.79 -34.23
N LYS A 135 5.08 -17.21 -33.79
CA LYS A 135 5.13 -15.97 -33.01
C LYS A 135 5.62 -16.23 -31.60
N LEU A 136 5.35 -17.42 -31.05
CA LEU A 136 5.83 -17.75 -29.71
C LEU A 136 7.34 -17.95 -29.70
N ALA A 137 7.88 -18.56 -30.75
CA ALA A 137 9.33 -18.79 -30.83
C ALA A 137 10.08 -17.48 -31.01
N PHE A 138 9.48 -16.50 -31.68
CA PHE A 138 10.12 -15.18 -31.81
C PHE A 138 10.51 -14.60 -30.47
N ARG A 139 9.64 -14.77 -29.47
CA ARG A 139 9.90 -14.18 -28.15
C ARG A 139 11.00 -14.93 -27.42
N TYR A 140 11.01 -16.26 -27.50
CA TYR A 140 12.06 -17.02 -26.82
C TYR A 140 13.43 -16.72 -27.39
N ARG A 141 13.52 -16.56 -28.72
CA ARG A 141 14.79 -16.15 -29.31
C ARG A 141 15.17 -14.74 -28.87
N ARG A 142 14.17 -13.85 -28.75
CA ARG A 142 14.44 -12.51 -28.24
C ARG A 142 14.84 -12.56 -26.77
N VAL A 143 14.20 -13.41 -25.97
CA VAL A 143 14.59 -13.59 -24.57
C VAL A 143 16.04 -14.06 -24.48
N LYS A 144 16.42 -15.02 -25.34
CA LYS A 144 17.81 -15.49 -25.34
C LYS A 144 18.76 -14.37 -25.75
N GLU A 145 18.39 -13.58 -26.76
CA GLU A 145 19.26 -12.50 -27.22
C GLU A 145 19.55 -11.50 -26.10
N MET A 146 18.51 -11.09 -25.38
CA MET A 146 18.72 -10.17 -24.26
C MET A 146 19.50 -10.83 -23.14
N TYR A 147 19.28 -12.12 -22.90
CA TYR A 147 20.03 -12.84 -21.89
C TYR A 147 21.52 -12.86 -22.21
N ASN A 148 21.87 -13.41 -23.38
CA ASN A 148 23.28 -13.52 -23.77
C ASN A 148 23.94 -12.16 -24.00
N THR A 149 23.16 -11.09 -24.13
CA THR A 149 23.72 -9.76 -24.33
C THR A 149 23.96 -9.02 -23.02
N TYR A 150 23.03 -9.13 -22.07
CA TYR A 150 23.05 -8.30 -20.87
C TYR A 150 23.34 -9.08 -19.59
N LYS A 151 23.95 -10.27 -19.69
CA LYS A 151 24.20 -11.03 -18.46
C LYS A 151 25.38 -10.50 -17.66
N ASN A 152 26.32 -9.80 -18.29
CA ASN A 152 27.37 -9.08 -17.60
C ASN A 152 27.21 -7.57 -17.76
N ASN A 153 26.09 -7.14 -18.34
CA ASN A 153 25.74 -5.73 -18.45
C ASN A 153 24.25 -5.62 -18.17
N VAL A 154 23.91 -5.53 -16.88
CA VAL A 154 22.51 -5.47 -16.51
C VAL A 154 22.02 -4.03 -16.44
N GLY A 155 22.91 -3.08 -16.14
CA GLY A 155 22.57 -1.68 -16.27
C GLY A 155 22.24 -1.26 -17.68
N GLY A 156 22.68 -2.03 -18.68
CA GLY A 156 22.28 -1.76 -20.04
C GLY A 156 20.91 -2.28 -20.36
N LEU A 157 20.48 -3.35 -19.71
CA LEU A 157 19.12 -3.88 -19.90
C LEU A 157 18.11 -3.04 -19.12
N ILE A 158 18.14 -3.15 -17.80
CA ILE A 158 17.43 -2.22 -16.93
C ILE A 158 18.39 -1.07 -16.65
N GLY A 159 18.06 0.11 -17.17
CA GLY A 159 18.98 1.22 -17.07
C GLY A 159 19.28 1.60 -15.63
N THR A 160 20.51 2.05 -15.40
CA THR A 160 20.86 2.66 -14.14
C THR A 160 19.94 3.85 -13.87
N PRO A 161 19.58 4.12 -12.61
CA PRO A 161 20.05 3.51 -11.36
C PRO A 161 19.31 2.24 -10.93
N LYS A 162 18.43 1.71 -11.77
CA LYS A 162 17.69 0.49 -11.41
C LYS A 162 18.61 -0.67 -11.08
N ARG A 163 19.86 -0.61 -11.52
CA ARG A 163 20.87 -1.58 -11.08
C ARG A 163 21.46 -1.18 -9.73
N GLU A 164 21.76 0.11 -9.54
CA GLU A 164 22.27 0.57 -8.26
C GLU A 164 21.27 0.32 -7.13
N THR A 165 19.97 0.41 -7.42
CA THR A 165 18.96 0.08 -6.43
C THR A 165 19.04 -1.39 -6.03
N TRP A 166 19.32 -2.29 -6.98
CA TRP A 166 19.39 -3.71 -6.64
C TRP A 166 20.69 -4.06 -5.95
N LEU A 167 21.82 -3.49 -6.40
CA LEU A 167 23.08 -3.73 -5.71
C LEU A 167 22.99 -3.31 -4.25
N GLN A 168 22.19 -2.28 -3.97
CA GLN A 168 21.86 -1.93 -2.59
C GLN A 168 20.97 -2.98 -1.95
N LEU A 169 20.02 -3.52 -2.73
CA LEU A 169 19.12 -4.54 -2.19
C LEU A 169 19.84 -5.84 -1.91
N ARG A 170 20.82 -6.20 -2.74
CA ARG A 170 21.59 -7.42 -2.51
C ARG A 170 22.32 -7.37 -1.17
N ALA A 171 23.11 -6.32 -0.95
CA ALA A 171 23.88 -6.21 0.29
C ALA A 171 22.99 -6.18 1.52
N GLU A 172 21.79 -5.61 1.40
CA GLU A 172 20.86 -5.61 2.53
C GLU A 172 20.38 -7.01 2.86
N LEU A 173 20.29 -7.89 1.87
CA LEU A 173 19.87 -9.26 2.11
C LEU A 173 21.06 -10.15 2.47
N GLU A 174 22.17 -10.03 1.74
CA GLU A 174 23.35 -10.81 2.06
C GLU A 174 23.89 -10.50 3.45
N ALA A 175 23.55 -9.33 4.01
CA ALA A 175 23.87 -9.06 5.40
C ALA A 175 23.06 -9.91 6.35
N LEU A 176 21.97 -10.52 5.87
CA LEU A 176 21.18 -11.46 6.64
C LEU A 176 21.56 -12.91 6.37
N THR A 177 21.96 -13.23 5.14
CA THR A 177 22.33 -14.58 4.76
C THR A 177 23.84 -14.82 4.82
N ASP A 178 24.60 -13.89 5.41
CA ASP A 178 26.05 -14.00 5.54
C ASP A 178 26.71 -14.25 4.18
N LEU A 179 26.28 -13.46 3.19
CA LEU A 179 26.85 -13.49 1.84
C LEU A 179 26.73 -14.89 1.22
N TRP A 180 25.51 -15.43 1.24
CA TRP A 180 25.28 -16.77 0.73
C TRP A 180 25.43 -16.81 -0.79
N LEU A 181 24.79 -15.87 -1.49
CA LEU A 181 24.92 -15.81 -2.94
C LEU A 181 26.36 -15.50 -3.35
N THR A 182 27.02 -14.60 -2.62
CA THR A 182 28.43 -14.33 -2.88
C THR A 182 29.28 -15.57 -2.67
N HIS A 183 28.97 -16.36 -1.65
CA HIS A 183 29.73 -17.58 -1.39
C HIS A 183 29.46 -18.63 -2.45
N SER A 184 28.20 -18.79 -2.86
CA SER A 184 27.85 -19.82 -3.84
C SER A 184 28.45 -19.53 -5.20
N LEU A 185 28.67 -18.25 -5.54
CA LEU A 185 29.27 -17.94 -6.82
C LEU A 185 30.73 -18.35 -6.90
N LYS A 186 31.43 -18.38 -5.75
CA LYS A 186 32.80 -18.89 -5.74
C LYS A 186 32.84 -20.35 -6.19
N ALA A 187 31.90 -21.17 -5.72
CA ALA A 187 31.83 -22.55 -6.16
C ALA A 187 31.39 -22.66 -7.61
N LEU A 188 30.53 -21.73 -8.06
CA LEU A 188 30.05 -21.77 -9.43
C LEU A 188 31.13 -21.37 -10.42
N ASN A 189 31.90 -20.32 -10.10
CA ASN A 189 32.98 -19.91 -10.98
C ASN A 189 34.13 -20.90 -10.98
N LEU A 190 34.37 -21.59 -9.86
CA LEU A 190 35.39 -22.62 -9.83
C LEU A 190 35.04 -23.80 -10.72
N ILE A 191 33.76 -23.97 -11.03
CA ILE A 191 33.31 -25.03 -11.94
C ILE A 191 33.25 -24.51 -13.37
N ASN A 192 32.72 -23.29 -13.54
CA ASN A 192 32.66 -22.68 -14.86
C ASN A 192 34.06 -22.51 -15.46
N SER A 193 35.05 -22.22 -14.61
CA SER A 193 36.41 -22.05 -15.09
C SER A 193 37.05 -23.36 -15.52
N ARG A 194 36.49 -24.50 -15.10
CA ARG A 194 37.01 -25.77 -15.56
C ARG A 194 36.57 -26.04 -16.99
N PRO A 195 37.48 -26.49 -17.86
CA PRO A 195 37.11 -26.74 -19.25
C PRO A 195 36.34 -28.04 -19.42
N ASN A 196 36.65 -29.02 -18.56
CA ASN A 196 35.99 -30.32 -18.60
C ASN A 196 34.71 -30.34 -17.80
N CYS A 197 34.48 -29.37 -16.93
CA CYS A 197 33.30 -29.32 -16.09
C CYS A 197 32.38 -28.18 -16.52
N VAL A 198 31.08 -28.38 -16.29
CA VAL A 198 30.06 -27.38 -16.54
C VAL A 198 28.99 -27.52 -15.46
N ASN A 199 28.22 -26.46 -15.28
CA ASN A 199 27.16 -26.46 -14.28
C ASN A 199 25.84 -26.05 -14.92
N VAL A 200 24.78 -26.75 -14.55
CA VAL A 200 23.45 -26.50 -15.07
C VAL A 200 22.52 -26.19 -13.91
N LEU A 201 21.37 -25.60 -14.23
CA LEU A 201 20.40 -25.17 -13.23
C LEU A 201 19.08 -25.91 -13.47
N VAL A 202 18.49 -26.40 -12.39
CA VAL A 202 17.19 -27.07 -12.42
C VAL A 202 16.36 -26.46 -11.30
N THR A 203 15.38 -25.64 -11.66
CA THR A 203 14.45 -25.04 -10.72
C THR A 203 13.03 -25.44 -11.08
N THR A 204 12.10 -25.12 -10.18
CA THR A 204 10.68 -25.42 -10.41
C THR A 204 9.88 -24.19 -10.79
N THR A 205 10.46 -22.99 -10.71
CA THR A 205 9.79 -21.81 -11.21
C THR A 205 9.59 -21.90 -12.73
N GLN A 206 8.67 -21.09 -13.22
CA GLN A 206 8.54 -20.91 -14.66
C GLN A 206 9.86 -20.38 -15.22
N LEU A 207 10.11 -20.67 -16.50
CA LEU A 207 11.42 -20.40 -17.08
C LEU A 207 11.73 -18.90 -17.06
N ILE A 208 10.77 -18.07 -17.47
CA ILE A 208 11.02 -16.64 -17.58
C ILE A 208 11.36 -16.01 -16.23
N PRO A 209 10.61 -16.24 -15.14
CA PRO A 209 11.06 -15.70 -13.85
C PRO A 209 12.40 -16.25 -13.40
N ALA A 210 12.68 -17.53 -13.66
CA ALA A 210 13.98 -18.09 -13.32
C ALA A 210 15.10 -17.42 -14.10
N LEU A 211 14.86 -17.12 -15.38
CA LEU A 211 15.84 -16.38 -16.17
C LEU A 211 16.00 -14.95 -15.65
N ALA A 212 14.90 -14.35 -15.17
CA ALA A 212 14.98 -13.00 -14.61
C ALA A 212 15.80 -12.98 -13.32
N LYS A 213 15.63 -14.00 -12.47
CA LYS A 213 16.39 -14.05 -11.23
C LYS A 213 17.87 -14.32 -11.50
N VAL A 214 18.15 -15.30 -12.38
CA VAL A 214 19.54 -15.60 -12.73
C VAL A 214 20.21 -14.38 -13.35
N LEU A 215 19.45 -13.60 -14.13
CA LEU A 215 20.02 -12.41 -14.76
C LEU A 215 20.37 -11.34 -13.74
N LEU A 216 19.42 -11.00 -12.88
CA LEU A 216 19.66 -9.99 -11.84
C LEU A 216 20.73 -10.44 -10.86
N TYR A 217 20.53 -11.61 -10.23
CA TYR A 217 21.35 -12.01 -9.09
C TYR A 217 22.83 -12.14 -9.44
N GLY A 218 23.18 -12.25 -10.73
CA GLY A 218 24.55 -12.41 -11.14
C GLY A 218 24.92 -13.81 -11.55
N LEU A 219 23.98 -14.74 -11.56
CA LEU A 219 24.23 -16.12 -11.97
C LEU A 219 24.23 -16.30 -13.47
N GLY A 220 24.08 -15.22 -14.25
CA GLY A 220 24.06 -15.37 -15.70
C GLY A 220 25.39 -15.77 -16.28
N SER A 221 26.49 -15.32 -15.68
CA SER A 221 27.81 -15.67 -16.19
C SER A 221 28.13 -17.15 -15.99
N VAL A 222 27.58 -17.77 -14.94
CA VAL A 222 27.95 -19.13 -14.60
C VAL A 222 26.92 -20.16 -15.06
N PHE A 223 25.69 -19.73 -15.36
CA PHE A 223 24.67 -20.64 -15.89
C PHE A 223 24.39 -20.25 -17.33
N PRO A 224 24.90 -20.98 -18.31
CA PRO A 224 24.50 -20.75 -19.71
C PRO A 224 23.01 -20.98 -19.89
N ILE A 225 22.39 -20.14 -20.71
CA ILE A 225 20.94 -20.18 -20.87
C ILE A 225 20.48 -21.54 -21.38
N GLU A 226 21.30 -22.22 -22.18
CA GLU A 226 20.95 -23.55 -22.65
C GLU A 226 21.07 -24.61 -21.55
N ASN A 227 21.51 -24.24 -20.35
CA ASN A 227 21.67 -25.18 -19.25
C ASN A 227 20.79 -24.82 -18.07
N ILE A 228 19.62 -24.24 -18.35
CA ILE A 228 18.65 -23.86 -17.34
C ILE A 228 17.33 -24.54 -17.70
N TYR A 229 16.84 -25.40 -16.80
CA TYR A 229 15.65 -26.19 -17.04
C TYR A 229 14.58 -25.85 -16.02
N SER A 230 13.35 -25.71 -16.49
CA SER A 230 12.20 -25.32 -15.66
C SER A 230 11.29 -26.53 -15.50
N ALA A 231 11.32 -27.13 -14.31
CA ALA A 231 10.53 -28.31 -13.97
C ALA A 231 9.15 -27.96 -13.43
N THR A 232 8.52 -26.90 -13.94
CA THR A 232 7.26 -26.42 -13.37
C THR A 232 6.18 -27.48 -13.40
N LYS A 233 5.76 -27.88 -14.60
CA LYS A 233 4.62 -28.78 -14.75
C LYS A 233 5.00 -30.26 -14.72
N THR A 234 6.24 -30.61 -15.01
CA THR A 234 6.62 -31.99 -15.25
C THR A 234 7.42 -32.64 -14.13
N GLY A 235 7.89 -31.87 -13.15
CA GLY A 235 8.68 -32.43 -12.07
C GLY A 235 10.15 -32.51 -12.42
N LYS A 236 10.97 -32.56 -11.37
CA LYS A 236 12.42 -32.52 -11.55
C LYS A 236 12.95 -33.80 -12.18
N GLU A 237 12.27 -34.93 -12.00
CA GLU A 237 12.73 -36.18 -12.59
C GLU A 237 12.76 -36.10 -14.11
N SER A 238 11.72 -35.52 -14.71
CA SER A 238 11.70 -35.36 -16.17
C SER A 238 12.85 -34.49 -16.64
N CYS A 239 13.21 -33.46 -15.87
CA CYS A 239 14.33 -32.61 -16.24
C CYS A 239 15.65 -33.35 -16.09
N PHE A 240 15.80 -34.14 -15.02
CA PHE A 240 17.03 -34.90 -14.83
C PHE A 240 17.22 -35.90 -15.96
N GLU A 241 16.17 -36.63 -16.32
CA GLU A 241 16.22 -37.52 -17.47
C GLU A 241 16.46 -36.75 -18.76
N ARG A 242 15.94 -35.53 -18.86
CA ARG A 242 16.16 -34.70 -20.04
C ARG A 242 17.61 -34.26 -20.15
N ILE A 243 18.35 -34.23 -19.04
CA ILE A 243 19.74 -33.83 -19.06
C ILE A 243 20.65 -34.96 -19.52
N MET A 244 20.48 -36.15 -18.92
CA MET A 244 21.37 -37.27 -19.22
C MET A 244 21.32 -37.67 -20.69
N GLN A 245 20.16 -37.55 -21.33
CA GLN A 245 20.07 -37.79 -22.77
C GLN A 245 20.90 -36.79 -23.57
N ARG A 246 21.18 -35.61 -22.99
CA ARG A 246 21.95 -34.57 -23.64
C ARG A 246 23.46 -34.75 -23.46
N PHE A 247 23.90 -34.98 -22.22
CA PHE A 247 25.32 -35.09 -21.94
C PHE A 247 25.86 -36.52 -22.04
N GLY A 248 24.99 -37.50 -22.21
CA GLY A 248 25.44 -38.85 -22.51
C GLY A 248 25.78 -39.67 -21.28
N ARG A 249 26.39 -40.82 -21.56
CA ARG A 249 26.82 -41.75 -20.52
C ARG A 249 28.30 -41.63 -20.20
N LYS A 250 29.06 -40.88 -21.01
CA LYS A 250 30.47 -40.66 -20.76
C LYS A 250 30.73 -39.52 -19.79
N ALA A 251 29.69 -38.98 -19.15
CA ALA A 251 29.83 -37.88 -18.22
C ALA A 251 29.55 -38.33 -16.80
N VAL A 252 30.12 -37.60 -15.85
CA VAL A 252 29.94 -37.84 -14.42
C VAL A 252 28.97 -36.78 -13.89
N TYR A 253 27.75 -37.18 -13.58
CA TYR A 253 26.72 -36.26 -13.13
C TYR A 253 26.75 -36.14 -11.60
N VAL A 254 26.78 -34.91 -11.11
CA VAL A 254 26.74 -34.62 -9.68
C VAL A 254 25.66 -33.59 -9.43
N VAL A 255 24.80 -33.85 -8.45
CA VAL A 255 23.69 -32.97 -8.09
C VAL A 255 24.03 -32.23 -6.81
N ILE A 256 23.94 -30.90 -6.84
CA ILE A 256 24.18 -30.05 -5.69
C ILE A 256 22.89 -29.27 -5.42
N GLY A 257 22.28 -29.52 -4.26
CA GLY A 257 21.04 -28.84 -3.96
C GLY A 257 20.70 -28.96 -2.48
N ASP A 258 19.53 -28.45 -2.14
CA ASP A 258 19.02 -28.48 -0.78
C ASP A 258 17.61 -29.07 -0.77
N GLY A 259 17.33 -29.88 0.24
CA GLY A 259 16.06 -30.57 0.38
C GLY A 259 16.18 -32.06 0.11
N VAL A 260 15.04 -32.67 -0.15
CA VAL A 260 14.97 -34.12 -0.34
C VAL A 260 14.16 -34.46 -1.59
N GLU A 261 13.50 -33.46 -2.17
CA GLU A 261 12.71 -33.70 -3.38
C GLU A 261 13.57 -34.28 -4.49
N GLU A 262 14.81 -33.82 -4.61
CA GLU A 262 15.76 -34.36 -5.57
C GLU A 262 16.64 -35.45 -4.97
N GLU A 263 16.49 -35.75 -3.68
CA GLU A 263 17.33 -36.77 -3.05
C GLU A 263 17.08 -38.13 -3.69
N GLN A 264 15.82 -38.52 -3.82
CA GLN A 264 15.49 -39.76 -4.52
C GLN A 264 15.57 -39.56 -6.03
N GLY A 265 15.26 -38.34 -6.51
CA GLY A 265 15.39 -38.07 -7.93
C GLY A 265 16.82 -38.14 -8.42
N ALA A 266 17.79 -37.84 -7.56
CA ALA A 266 19.19 -38.00 -7.92
C ALA A 266 19.72 -39.38 -7.61
N LYS A 267 19.12 -40.08 -6.65
CA LYS A 267 19.58 -41.44 -6.34
C LYS A 267 19.16 -42.42 -7.42
N LYS A 268 17.92 -42.32 -7.89
CA LYS A 268 17.41 -43.22 -8.92
C LYS A 268 18.05 -43.00 -10.29
N HIS A 269 18.97 -42.04 -10.41
CA HIS A 269 19.71 -41.82 -11.65
C HIS A 269 21.22 -41.88 -11.40
N ASN A 270 21.62 -42.45 -10.26
CA ASN A 270 23.03 -42.62 -9.90
C ASN A 270 23.78 -41.30 -9.91
N MET A 271 23.11 -40.23 -9.45
CA MET A 271 23.74 -38.94 -9.30
C MET A 271 24.02 -38.66 -7.84
N PRO A 272 25.28 -38.52 -7.43
CA PRO A 272 25.57 -38.24 -6.01
C PRO A 272 25.01 -36.89 -5.59
N PHE A 273 24.27 -36.89 -4.48
CA PHE A 273 23.63 -35.68 -3.97
C PHE A 273 24.53 -35.00 -2.94
N TRP A 274 24.80 -33.71 -3.17
CA TRP A 274 25.62 -32.88 -2.29
C TRP A 274 24.71 -31.90 -1.57
N ARG A 275 24.34 -32.21 -0.33
CA ARG A 275 23.55 -31.28 0.47
C ARG A 275 24.29 -29.96 0.63
N ILE A 276 23.53 -28.90 0.86
CA ILE A 276 24.12 -27.56 0.83
C ILE A 276 23.45 -26.64 1.86
N SER A 277 22.82 -27.24 2.87
CA SER A 277 22.08 -26.45 3.86
C SER A 277 22.98 -25.42 4.55
N CYS A 278 24.00 -25.90 5.27
CA CYS A 278 24.82 -25.01 6.08
C CYS A 278 25.78 -24.19 5.23
N HIS A 279 26.47 -23.25 5.89
CA HIS A 279 27.49 -22.44 5.23
C HIS A 279 28.80 -23.21 5.07
N ALA A 280 29.15 -24.03 6.06
CA ALA A 280 30.36 -24.84 5.96
C ALA A 280 30.24 -25.92 4.90
N ASP A 281 29.00 -26.29 4.53
CA ASP A 281 28.81 -27.22 3.43
C ASP A 281 29.31 -26.65 2.11
N LEU A 282 29.29 -25.32 1.96
CA LEU A 282 29.81 -24.70 0.75
C LEU A 282 31.34 -24.59 0.80
N GLU A 283 31.88 -24.19 1.95
CA GLU A 283 33.33 -24.13 2.10
C GLU A 283 33.97 -25.50 1.88
N ALA A 284 33.31 -26.56 2.36
CA ALA A 284 33.80 -27.91 2.11
C ALA A 284 33.61 -28.28 0.65
N LEU A 285 32.48 -27.88 0.05
CA LEU A 285 32.27 -28.14 -1.36
C LEU A 285 33.34 -27.47 -2.21
N ARG A 286 33.60 -26.20 -1.93
CA ARG A 286 34.69 -25.50 -2.62
C ARG A 286 36.03 -26.14 -2.30
N HIS A 287 36.22 -26.54 -1.04
CA HIS A 287 37.44 -27.26 -0.66
C HIS A 287 37.58 -28.55 -1.46
N ALA A 288 36.50 -29.33 -1.54
CA ALA A 288 36.51 -30.55 -2.34
C ALA A 288 36.69 -30.26 -3.83
N LEU A 289 36.35 -29.06 -4.28
CA LEU A 289 36.59 -28.69 -5.68
C LEU A 289 38.00 -28.17 -5.88
N GLU A 290 38.56 -27.45 -4.90
CA GLU A 290 39.92 -26.94 -5.03
C GLU A 290 40.92 -28.07 -5.14
N LEU A 291 40.68 -29.20 -4.46
CA LEU A 291 41.60 -30.33 -4.44
C LEU A 291 41.26 -31.39 -5.47
N GLU A 292 40.47 -31.03 -6.49
CA GLU A 292 40.10 -31.91 -7.59
C GLU A 292 39.41 -33.20 -7.13
N TYR A 293 38.86 -33.21 -5.91
CA TYR A 293 38.06 -34.34 -5.46
C TYR A 293 36.74 -34.43 -6.22
N LEU A 294 36.32 -33.37 -6.90
CA LEU A 294 35.15 -33.39 -7.76
C LEU A 294 35.51 -32.97 -9.18
N ASN B 21 -10.43 -21.90 22.92
CA ASN B 21 -11.61 -21.92 22.07
C ASN B 21 -11.31 -22.56 20.73
N GLU B 22 -11.99 -22.11 19.69
CA GLU B 22 -11.79 -22.60 18.33
C GLU B 22 -10.77 -21.80 17.54
N ILE B 23 -10.03 -20.90 18.20
CA ILE B 23 -9.05 -20.07 17.51
C ILE B 23 -7.78 -20.89 17.28
N GLU B 24 -7.23 -20.81 16.07
CA GLU B 24 -6.03 -21.54 15.71
C GLU B 24 -4.76 -20.69 15.82
N ARG B 25 -4.81 -19.44 15.40
CA ARG B 25 -3.67 -18.53 15.44
C ARG B 25 -3.99 -17.31 16.29
N VAL B 26 -3.02 -16.88 17.09
CA VAL B 26 -3.18 -15.74 17.99
C VAL B 26 -2.09 -14.70 17.66
N PHE B 27 -2.52 -13.46 17.46
CA PHE B 27 -1.62 -12.36 17.11
C PHE B 27 -1.58 -11.36 18.25
N VAL B 28 -0.42 -11.25 18.91
CA VAL B 28 -0.24 -10.34 20.02
C VAL B 28 0.26 -9.00 19.49
N TRP B 29 -0.46 -7.93 19.80
CA TRP B 29 -0.11 -6.58 19.38
C TRP B 29 0.43 -5.77 20.55
N ASP B 30 1.49 -5.00 20.29
CA ASP B 30 2.06 -4.07 21.25
C ASP B 30 2.10 -2.70 20.57
N LEU B 31 0.95 -2.01 20.55
CA LEU B 31 0.82 -0.75 19.84
C LEU B 31 1.21 0.46 20.68
N ASP B 32 1.97 0.27 21.75
CA ASP B 32 2.66 1.38 22.36
C ASP B 32 3.69 1.94 21.38
N GLU B 33 4.22 3.12 21.70
CA GLU B 33 5.22 3.84 20.92
C GLU B 33 4.66 4.36 19.60
N THR B 34 3.40 4.09 19.27
CA THR B 34 2.79 4.59 18.04
C THR B 34 1.34 5.02 18.23
N ILE B 35 0.59 4.31 19.09
CA ILE B 35 -0.84 4.56 19.23
C ILE B 35 -1.20 4.78 20.70
N ILE B 36 -0.98 3.76 21.52
CA ILE B 36 -1.36 3.83 22.93
C ILE B 36 -0.47 4.83 23.64
N ILE B 37 0.81 4.49 23.81
CA ILE B 37 1.79 5.39 24.40
C ILE B 37 2.51 6.07 23.23
N PHE B 38 1.92 7.15 22.73
CA PHE B 38 2.57 7.92 21.69
C PHE B 38 3.40 9.04 22.30
N HIS B 39 4.31 8.65 23.20
CA HIS B 39 5.11 9.62 23.93
C HIS B 39 6.10 10.35 23.04
N SER B 40 6.28 9.90 21.79
CA SER B 40 7.09 10.67 20.85
C SER B 40 6.40 11.97 20.44
N LEU B 41 5.06 12.00 20.53
CA LEU B 41 4.32 13.21 20.19
C LEU B 41 4.62 14.33 21.18
N LEU B 42 4.32 14.10 22.47
CA LEU B 42 4.46 15.16 23.45
C LEU B 42 5.91 15.60 23.64
N THR B 43 6.86 14.67 23.53
CA THR B 43 8.26 15.04 23.66
C THR B 43 8.76 15.82 22.44
N GLY B 44 8.04 15.75 21.32
CA GLY B 44 8.47 16.38 20.09
C GLY B 44 9.48 15.58 19.28
N THR B 45 9.91 14.42 19.77
CA THR B 45 10.85 13.60 19.01
C THR B 45 10.22 13.07 17.73
N PHE B 46 8.89 12.85 17.74
CA PHE B 46 8.20 12.40 16.54
C PHE B 46 8.32 13.43 15.42
N ALA B 47 8.15 14.71 15.75
CA ALA B 47 8.24 15.75 14.74
C ALA B 47 9.67 15.92 14.22
N SER B 48 10.66 15.64 15.06
CA SER B 48 12.05 15.74 14.62
C SER B 48 12.42 14.63 13.66
N ARG B 49 11.99 13.39 13.93
CA ARG B 49 12.32 12.29 13.05
C ARG B 49 11.67 12.43 11.68
N TYR B 50 10.40 12.83 11.64
CA TYR B 50 9.64 12.81 10.41
C TYR B 50 9.42 14.19 9.80
N GLY B 51 10.12 15.20 10.32
CA GLY B 51 10.08 16.53 9.73
C GLY B 51 8.73 17.20 9.74
N LYS B 52 7.99 17.07 10.84
CA LYS B 52 6.69 17.72 10.99
C LYS B 52 6.80 18.89 11.95
N ASP B 53 5.72 19.66 12.04
CA ASP B 53 5.72 20.83 12.92
C ASP B 53 5.66 20.39 14.38
N THR B 54 6.66 20.79 15.16
CA THR B 54 6.75 20.35 16.54
C THR B 54 5.62 20.90 17.40
N THR B 55 5.38 22.22 17.32
CA THR B 55 4.41 22.84 18.22
C THR B 55 2.99 22.37 17.93
N THR B 56 2.64 22.22 16.65
CA THR B 56 1.30 21.72 16.32
C THR B 56 1.12 20.27 16.76
N SER B 57 2.16 19.45 16.61
CA SER B 57 2.05 18.04 16.96
C SER B 57 1.84 17.85 18.46
N VAL B 58 2.56 18.60 19.29
CA VAL B 58 2.40 18.47 20.74
C VAL B 58 1.00 18.89 21.16
N ARG B 59 0.48 19.97 20.55
CA ARG B 59 -0.88 20.41 20.86
C ARG B 59 -1.91 19.33 20.53
N ILE B 60 -1.71 18.63 19.41
CA ILE B 60 -2.64 17.56 19.03
C ILE B 60 -2.53 16.41 20.04
N GLY B 61 -1.33 16.12 20.50
CA GLY B 61 -1.16 15.06 21.49
C GLY B 61 -1.73 15.43 22.84
N LEU B 62 -1.60 16.70 23.23
CA LEU B 62 -2.10 17.12 24.55
C LEU B 62 -3.62 17.10 24.60
N MET B 63 -4.28 17.43 23.49
CA MET B 63 -5.75 17.39 23.47
C MET B 63 -6.24 15.94 23.51
N MET B 64 -5.55 15.04 22.81
CA MET B 64 -5.89 13.62 22.90
C MET B 64 -5.79 13.12 24.33
N GLU B 65 -4.67 13.42 25.01
CA GLU B 65 -4.53 13.04 26.40
C GLU B 65 -5.62 13.66 27.27
N GLU B 66 -6.18 14.78 26.83
CA GLU B 66 -7.29 15.39 27.55
C GLU B 66 -8.61 14.70 27.24
N MET B 67 -8.93 14.53 25.95
CA MET B 67 -10.17 13.87 25.56
C MET B 67 -10.26 12.46 26.11
N ILE B 68 -9.12 11.78 26.25
CA ILE B 68 -9.11 10.42 26.79
C ILE B 68 -9.48 10.42 28.26
N PHE B 69 -8.76 11.20 29.07
CA PHE B 69 -9.02 11.23 30.50
C PHE B 69 -10.41 11.76 30.82
N ASN B 70 -10.91 12.70 30.01
CA ASN B 70 -12.28 13.15 30.20
C ASN B 70 -13.28 12.03 29.92
N LEU B 71 -12.91 11.06 29.07
CA LEU B 71 -13.77 9.91 28.84
C LEU B 71 -13.60 8.88 29.95
N ALA B 72 -12.36 8.67 30.42
CA ALA B 72 -12.12 7.67 31.46
C ALA B 72 -12.67 8.12 32.80
N ASP B 73 -12.56 9.41 33.12
CA ASP B 73 -13.04 9.91 34.40
C ASP B 73 -14.56 10.03 34.46
N THR B 74 -15.21 10.27 33.32
CA THR B 74 -16.65 10.50 33.29
C THR B 74 -17.45 9.31 32.80
N HIS B 75 -16.79 8.23 32.38
CA HIS B 75 -17.50 7.06 31.87
C HIS B 75 -16.91 5.73 32.30
N LEU B 76 -15.60 5.64 32.54
CA LEU B 76 -14.96 4.37 32.86
C LEU B 76 -14.37 4.36 34.27
N PHE B 77 -14.72 5.33 35.10
CA PHE B 77 -14.39 5.34 36.53
C PHE B 77 -12.88 5.29 36.77
N PHE B 78 -12.15 6.18 36.08
CA PHE B 78 -10.69 6.22 36.21
C PHE B 78 -10.26 6.54 37.64
N ASN B 79 -10.66 7.72 38.14
CA ASN B 79 -10.23 8.17 39.47
C ASN B 79 -10.48 7.13 40.56
N ASP B 80 -11.47 6.25 40.36
CA ASP B 80 -11.69 5.16 41.31
C ASP B 80 -10.61 4.09 41.15
N LEU B 81 -10.25 3.77 39.90
CA LEU B 81 -9.35 2.67 39.60
C LEU B 81 -7.94 3.16 39.24
N GLU B 82 -7.57 4.36 39.67
CA GLU B 82 -6.25 4.90 39.33
C GLU B 82 -5.14 4.09 40.02
N ASP B 83 -5.30 3.81 41.30
CA ASP B 83 -4.32 3.00 42.03
C ASP B 83 -4.59 1.51 41.89
N CYS B 84 -5.87 1.13 41.71
CA CYS B 84 -6.27 -0.27 41.57
C CYS B 84 -6.00 -0.75 40.14
N ASP B 85 -4.71 -0.80 39.80
CA ASP B 85 -4.30 -1.17 38.45
C ASP B 85 -4.41 -2.68 38.30
N GLN B 86 -5.54 -3.14 37.75
CA GLN B 86 -5.70 -4.54 37.41
C GLN B 86 -5.00 -4.85 36.10
N ILE B 87 -5.04 -6.11 35.68
CA ILE B 87 -4.37 -6.54 34.46
C ILE B 87 -5.37 -6.99 33.41
N HIS B 88 -6.48 -7.59 33.85
CA HIS B 88 -7.54 -7.99 32.94
C HIS B 88 -8.88 -7.50 33.47
N VAL B 89 -9.84 -7.32 32.55
CA VAL B 89 -11.15 -6.83 32.93
C VAL B 89 -11.92 -7.87 33.73
N ASP B 90 -11.75 -9.15 33.37
CA ASP B 90 -12.44 -10.25 34.03
C ASP B 90 -11.65 -10.83 35.19
N ASP B 91 -10.71 -10.07 35.75
CA ASP B 91 -9.91 -10.58 36.86
C ASP B 91 -10.73 -10.69 38.13
N VAL B 92 -11.56 -9.68 38.41
CA VAL B 92 -12.42 -9.70 39.58
C VAL B 92 -13.81 -10.27 39.26
N SER B 93 -13.90 -11.08 38.20
CA SER B 93 -15.17 -11.70 37.81
C SER B 93 -15.69 -12.69 38.84
N SER B 94 -14.90 -12.99 39.89
CA SER B 94 -15.32 -13.95 40.90
C SER B 94 -16.29 -13.33 41.91
N ASP B 95 -16.10 -12.05 42.23
CA ASP B 95 -16.83 -11.38 43.30
C ASP B 95 -18.14 -10.77 42.83
N ASP B 96 -18.61 -11.16 41.64
CA ASP B 96 -19.77 -10.52 41.02
C ASP B 96 -21.04 -11.24 41.46
N ASN B 97 -21.83 -10.59 42.31
CA ASN B 97 -23.19 -11.01 42.57
C ASN B 97 -23.99 -10.68 41.32
N GLY B 98 -24.18 -11.66 40.44
CA GLY B 98 -24.69 -11.38 39.11
C GLY B 98 -26.07 -10.77 39.08
N GLN B 99 -26.12 -9.48 38.75
CA GLN B 99 -27.35 -8.72 38.77
C GLN B 99 -27.31 -7.66 37.67
N ASP B 100 -28.49 -7.30 37.18
CA ASP B 100 -28.62 -6.20 36.23
C ASP B 100 -28.43 -4.90 37.00
N LEU B 101 -27.27 -4.25 36.80
CA LEU B 101 -26.91 -3.07 37.59
C LEU B 101 -27.09 -1.77 36.80
N SER B 102 -28.09 -1.71 35.93
CA SER B 102 -28.36 -0.47 35.20
C SER B 102 -28.78 0.65 36.13
N THR B 103 -29.29 0.34 37.32
CA THR B 103 -29.70 1.35 38.29
C THR B 103 -28.68 1.55 39.41
N TYR B 104 -27.63 0.73 39.47
CA TYR B 104 -26.62 0.87 40.51
C TYR B 104 -25.96 2.24 40.42
N ASN B 105 -26.16 3.08 41.42
CA ASN B 105 -25.59 4.43 41.43
C ASN B 105 -24.18 4.34 41.95
N PHE B 106 -23.20 4.40 41.03
CA PHE B 106 -21.81 4.19 41.40
C PHE B 106 -21.27 5.33 42.26
N SER B 107 -21.82 6.54 42.11
CA SER B 107 -21.37 7.66 42.92
C SER B 107 -21.82 7.53 44.38
N ALA B 108 -22.82 6.70 44.65
CA ALA B 108 -23.39 6.56 45.99
C ALA B 108 -23.17 5.12 46.47
N ASP B 109 -21.97 4.84 46.93
CA ASP B 109 -21.65 3.56 47.55
C ASP B 109 -20.50 3.77 48.53
N GLY B 110 -20.12 2.69 49.21
CA GLY B 110 -19.04 2.71 50.18
C GLY B 110 -17.69 2.57 49.54
N PHE B 111 -17.53 3.15 48.35
CA PHE B 111 -16.31 3.01 47.56
C PHE B 111 -15.34 4.14 47.90
N HIS B 112 -14.07 3.77 48.13
CA HIS B 112 -13.03 4.75 48.42
C HIS B 112 -11.68 4.07 48.16
N SER B 113 -11.11 4.33 46.99
CA SER B 113 -9.82 3.76 46.59
C SER B 113 -9.82 2.24 46.67
N GLY B 129 -12.12 -6.87 50.89
CA GLY B 129 -13.25 -7.62 51.41
C GLY B 129 -14.27 -7.98 50.36
N VAL B 130 -15.16 -8.92 50.70
CA VAL B 130 -16.19 -9.36 49.75
C VAL B 130 -17.07 -8.19 49.31
N ASP B 131 -17.28 -7.22 50.19
CA ASP B 131 -18.08 -6.06 49.84
C ASP B 131 -17.27 -4.98 49.12
N TRP B 132 -15.95 -4.99 49.27
CA TRP B 132 -15.12 -4.04 48.53
C TRP B 132 -14.81 -4.54 47.14
N MET B 133 -14.52 -5.84 47.02
CA MET B 133 -14.29 -6.44 45.70
C MET B 133 -15.57 -6.45 44.86
N ARG B 134 -16.74 -6.59 45.49
CA ARG B 134 -17.99 -6.58 44.75
C ARG B 134 -18.29 -5.22 44.13
N LYS B 135 -17.96 -4.14 44.85
CA LYS B 135 -18.15 -2.81 44.26
C LYS B 135 -17.14 -2.55 43.16
N LEU B 136 -15.94 -3.12 43.28
CA LEU B 136 -14.93 -2.97 42.23
C LEU B 136 -15.30 -3.77 40.99
N ALA B 137 -15.82 -4.99 41.17
CA ALA B 137 -16.17 -5.82 40.03
C ALA B 137 -17.38 -5.29 39.27
N PHE B 138 -18.34 -4.68 39.98
CA PHE B 138 -19.48 -4.07 39.31
C PHE B 138 -19.04 -3.04 38.27
N ARG B 139 -18.00 -2.27 38.60
CA ARG B 139 -17.55 -1.21 37.69
C ARG B 139 -16.92 -1.79 36.43
N TYR B 140 -16.11 -2.84 36.58
CA TYR B 140 -15.50 -3.46 35.40
C TYR B 140 -16.55 -4.11 34.51
N ARG B 141 -17.58 -4.71 35.10
CA ARG B 141 -18.67 -5.24 34.30
C ARG B 141 -19.43 -4.13 33.59
N ARG B 142 -19.59 -2.98 34.26
CA ARG B 142 -20.22 -1.83 33.59
C ARG B 142 -19.34 -1.31 32.46
N VAL B 143 -18.02 -1.26 32.67
CA VAL B 143 -17.10 -0.90 31.60
C VAL B 143 -17.23 -1.88 30.44
N LYS B 144 -17.37 -3.17 30.75
CA LYS B 144 -17.55 -4.18 29.72
C LYS B 144 -18.82 -3.93 28.92
N GLU B 145 -19.93 -3.63 29.60
CA GLU B 145 -21.19 -3.39 28.91
C GLU B 145 -21.10 -2.17 28.01
N MET B 146 -20.56 -1.07 28.53
CA MET B 146 -20.42 0.14 27.73
C MET B 146 -19.42 -0.06 26.59
N TYR B 147 -18.37 -0.84 26.83
CA TYR B 147 -17.42 -1.15 25.76
C TYR B 147 -18.10 -1.90 24.63
N ASN B 148 -18.69 -3.07 24.94
CA ASN B 148 -19.31 -3.91 23.93
C ASN B 148 -20.53 -3.27 23.28
N THR B 149 -21.11 -2.23 23.88
CA THR B 149 -22.29 -1.60 23.30
C THR B 149 -21.93 -0.46 22.36
N TYR B 150 -20.95 0.36 22.73
CA TYR B 150 -20.66 1.60 22.01
C TYR B 150 -19.32 1.54 21.28
N LYS B 151 -18.82 0.33 21.00
CA LYS B 151 -17.54 0.18 20.32
C LYS B 151 -17.62 0.45 18.82
N ASN B 152 -18.80 0.31 18.21
CA ASN B 152 -19.02 0.74 16.83
C ASN B 152 -19.98 1.91 16.76
N ASN B 153 -20.38 2.44 17.91
CA ASN B 153 -21.17 3.67 18.02
C ASN B 153 -20.63 4.40 19.25
N VAL B 154 -19.58 5.19 19.04
CA VAL B 154 -18.94 5.87 20.16
C VAL B 154 -19.61 7.21 20.44
N GLY B 155 -20.23 7.82 19.43
CA GLY B 155 -21.06 8.98 19.64
C GLY B 155 -22.25 8.70 20.54
N GLY B 156 -22.61 7.43 20.71
CA GLY B 156 -23.67 7.10 21.65
C GLY B 156 -23.20 7.10 23.09
N LEU B 157 -21.92 6.81 23.33
CA LEU B 157 -21.37 6.88 24.68
C LEU B 157 -21.10 8.32 25.07
N ILE B 158 -20.07 8.93 24.47
CA ILE B 158 -19.86 10.36 24.54
C ILE B 158 -20.61 10.97 23.35
N GLY B 159 -21.66 11.73 23.64
CA GLY B 159 -22.50 12.25 22.58
C GLY B 159 -21.73 13.14 21.62
N THR B 160 -22.15 13.11 20.36
CA THR B 160 -21.66 14.07 19.39
C THR B 160 -21.94 15.49 19.90
N PRO B 161 -21.06 16.45 19.61
CA PRO B 161 -19.90 16.39 18.72
C PRO B 161 -18.61 15.88 19.35
N LYS B 162 -18.64 15.39 20.61
CA LYS B 162 -17.40 14.92 21.22
C LYS B 162 -16.73 13.82 20.40
N ARG B 163 -17.48 13.15 19.53
CA ARG B 163 -16.86 12.29 18.53
C ARG B 163 -16.48 13.08 17.29
N GLU B 164 -17.36 13.97 16.82
CA GLU B 164 -17.04 14.82 15.69
C GLU B 164 -15.88 15.76 16.03
N THR B 165 -15.82 16.23 17.28
CA THR B 165 -14.67 17.02 17.72
C THR B 165 -13.41 16.18 17.68
N TRP B 166 -13.50 14.90 18.07
CA TRP B 166 -12.33 14.03 18.04
C TRP B 166 -12.05 13.52 16.63
N LEU B 167 -13.09 13.16 15.87
CA LEU B 167 -12.88 12.75 14.49
C LEU B 167 -12.17 13.82 13.70
N GLN B 168 -12.42 15.09 14.02
CA GLN B 168 -11.64 16.18 13.46
C GLN B 168 -10.22 16.18 14.02
N LEU B 169 -10.06 15.85 15.29
CA LEU B 169 -8.73 15.79 15.89
C LEU B 169 -7.91 14.63 15.32
N ARG B 170 -8.56 13.51 15.01
CA ARG B 170 -7.86 12.39 14.39
C ARG B 170 -7.23 12.80 13.07
N ALA B 171 -8.05 13.37 12.17
CA ALA B 171 -7.55 13.77 10.86
C ALA B 171 -6.41 14.77 10.95
N GLU B 172 -6.43 15.62 11.98
CA GLU B 172 -5.31 16.54 12.16
C GLU B 172 -4.04 15.82 12.55
N LEU B 173 -4.16 14.67 13.23
CA LEU B 173 -2.99 13.88 13.61
C LEU B 173 -2.58 12.91 12.51
N GLU B 174 -3.54 12.19 11.93
CA GLU B 174 -3.22 11.27 10.84
C GLU B 174 -2.64 12.00 9.63
N ALA B 175 -2.88 13.30 9.51
CA ALA B 175 -2.22 14.08 8.46
C ALA B 175 -0.73 14.22 8.73
N LEU B 176 -0.28 13.97 9.96
CA LEU B 176 1.13 13.95 10.29
C LEU B 176 1.74 12.55 10.29
N THR B 177 0.96 11.53 10.65
CA THR B 177 1.44 10.16 10.70
C THR B 177 1.13 9.38 9.43
N ASP B 178 0.66 10.05 8.39
CA ASP B 178 0.34 9.43 7.11
C ASP B 178 -0.63 8.25 7.28
N LEU B 179 -1.68 8.49 8.07
CA LEU B 179 -2.76 7.52 8.27
C LEU B 179 -2.24 6.21 8.86
N TRP B 180 -1.47 6.31 9.94
CA TRP B 180 -0.90 5.12 10.57
C TRP B 180 -1.99 4.29 11.25
N LEU B 181 -2.84 4.94 12.04
CA LEU B 181 -3.93 4.23 12.72
C LEU B 181 -4.89 3.62 11.71
N THR B 182 -5.21 4.35 10.64
CA THR B 182 -6.06 3.80 9.59
C THR B 182 -5.37 2.61 8.92
N HIS B 183 -4.06 2.69 8.73
CA HIS B 183 -3.32 1.62 8.08
C HIS B 183 -3.27 0.36 8.95
N SER B 184 -3.07 0.53 10.26
CA SER B 184 -2.98 -0.63 11.13
C SER B 184 -4.31 -1.36 11.26
N LEU B 185 -5.43 -0.65 11.08
CA LEU B 185 -6.74 -1.30 11.18
C LEU B 185 -7.00 -2.24 10.02
N LYS B 186 -6.38 -2.00 8.85
CA LYS B 186 -6.49 -2.97 7.76
C LYS B 186 -5.94 -4.33 8.18
N ALA B 187 -4.81 -4.33 8.87
CA ALA B 187 -4.25 -5.60 9.35
C ALA B 187 -5.08 -6.18 10.49
N LEU B 188 -5.67 -5.32 11.33
CA LEU B 188 -6.45 -5.81 12.46
C LEU B 188 -7.78 -6.43 12.00
N ASN B 189 -8.47 -5.77 11.06
CA ASN B 189 -9.70 -6.33 10.53
C ASN B 189 -9.42 -7.55 9.66
N LEU B 190 -8.25 -7.58 9.00
CA LEU B 190 -7.87 -8.74 8.21
C LEU B 190 -7.67 -9.98 9.07
N ILE B 191 -7.38 -9.80 10.36
CA ILE B 191 -7.23 -10.92 11.29
C ILE B 191 -8.53 -11.19 12.04
N ASN B 192 -9.20 -10.13 12.51
CA ASN B 192 -10.45 -10.29 13.25
C ASN B 192 -11.54 -10.96 12.41
N SER B 193 -11.58 -10.65 11.11
CA SER B 193 -12.59 -11.25 10.25
C SER B 193 -12.32 -12.73 9.99
N ARG B 194 -11.10 -13.20 10.21
CA ARG B 194 -10.80 -14.60 10.05
C ARG B 194 -11.27 -15.39 11.28
N PRO B 195 -11.92 -16.54 11.10
CA PRO B 195 -12.48 -17.27 12.23
C PRO B 195 -11.43 -18.04 13.04
N ASN B 196 -10.39 -18.54 12.37
CA ASN B 196 -9.36 -19.30 13.06
C ASN B 196 -8.28 -18.42 13.66
N CYS B 197 -8.20 -17.15 13.25
CA CYS B 197 -7.19 -16.24 13.76
C CYS B 197 -7.86 -15.15 14.60
N VAL B 198 -7.14 -14.65 15.60
CA VAL B 198 -7.59 -13.55 16.43
C VAL B 198 -6.38 -12.72 16.82
N ASN B 199 -6.63 -11.48 17.21
CA ASN B 199 -5.56 -10.58 17.64
C ASN B 199 -5.90 -10.01 19.01
N VAL B 200 -4.89 -9.94 19.86
CA VAL B 200 -5.04 -9.43 21.22
C VAL B 200 -4.09 -8.26 21.40
N LEU B 201 -4.33 -7.48 22.45
CA LEU B 201 -3.56 -6.27 22.71
C LEU B 201 -2.84 -6.38 24.04
N VAL B 202 -1.58 -5.98 24.05
CA VAL B 202 -0.75 -5.95 25.25
C VAL B 202 -0.06 -4.59 25.30
N THR B 203 -0.50 -3.74 26.23
CA THR B 203 0.09 -2.43 26.42
C THR B 203 0.64 -2.34 27.84
N THR B 204 1.41 -1.28 28.10
CA THR B 204 1.97 -1.06 29.42
C THR B 204 1.26 0.04 30.19
N THR B 205 0.37 0.80 29.54
CA THR B 205 -0.47 1.74 30.26
C THR B 205 -1.41 1.00 31.21
N GLN B 206 -1.95 1.72 32.18
CA GLN B 206 -3.01 1.17 33.00
C GLN B 206 -4.20 0.78 32.13
N LEU B 207 -4.97 -0.20 32.61
CA LEU B 207 -5.99 -0.82 31.77
C LEU B 207 -7.06 0.19 31.36
N ILE B 208 -7.56 0.98 32.31
CA ILE B 208 -8.66 1.90 32.02
C ILE B 208 -8.29 2.94 30.98
N PRO B 209 -7.15 3.65 31.08
CA PRO B 209 -6.78 4.56 29.99
C PRO B 209 -6.60 3.86 28.65
N ALA B 210 -6.06 2.64 28.66
CA ALA B 210 -5.93 1.88 27.42
C ALA B 210 -7.30 1.56 26.84
N LEU B 211 -8.27 1.22 27.70
CA LEU B 211 -9.62 1.00 27.22
C LEU B 211 -10.24 2.29 26.70
N ALA B 212 -9.90 3.42 27.30
CA ALA B 212 -10.39 4.71 26.81
C ALA B 212 -9.81 5.02 25.44
N LYS B 213 -8.53 4.71 25.23
CA LYS B 213 -7.90 4.97 23.94
C LYS B 213 -8.43 4.03 22.87
N VAL B 214 -8.51 2.73 23.18
CA VAL B 214 -9.01 1.75 22.22
C VAL B 214 -10.44 2.08 21.80
N LEU B 215 -11.26 2.56 22.75
CA LEU B 215 -12.64 2.91 22.43
C LEU B 215 -12.69 4.14 21.53
N LEU B 216 -11.98 5.21 21.92
CA LEU B 216 -11.95 6.42 21.10
C LEU B 216 -11.31 6.14 19.75
N TYR B 217 -10.08 5.61 19.73
CA TYR B 217 -9.30 5.52 18.52
C TYR B 217 -9.96 4.66 17.44
N GLY B 218 -10.90 3.80 17.81
CA GLY B 218 -11.57 2.93 16.86
C GLY B 218 -11.12 1.49 16.89
N LEU B 219 -10.22 1.11 17.79
CA LEU B 219 -9.73 -0.25 17.88
C LEU B 219 -10.69 -1.17 18.64
N GLY B 220 -11.86 -0.68 19.04
CA GLY B 220 -12.79 -1.52 19.78
C GLY B 220 -13.39 -2.65 18.97
N SER B 221 -13.55 -2.43 17.66
CA SER B 221 -14.15 -3.47 16.82
C SER B 221 -13.24 -4.68 16.67
N VAL B 222 -11.93 -4.48 16.72
CA VAL B 222 -10.98 -5.55 16.44
C VAL B 222 -10.36 -6.17 17.69
N PHE B 223 -10.42 -5.50 18.84
CA PHE B 223 -9.88 -6.03 20.08
C PHE B 223 -11.02 -6.32 21.05
N PRO B 224 -11.40 -7.58 21.25
CA PRO B 224 -12.35 -7.89 22.33
C PRO B 224 -11.76 -7.49 23.67
N ILE B 225 -12.63 -6.94 24.53
CA ILE B 225 -12.18 -6.42 25.82
C ILE B 225 -11.49 -7.51 26.64
N GLU B 226 -11.89 -8.77 26.44
CA GLU B 226 -11.27 -9.90 27.11
C GLU B 226 -9.86 -10.19 26.62
N ASN B 227 -9.36 -9.47 25.62
CA ASN B 227 -8.05 -9.73 25.03
C ASN B 227 -7.11 -8.53 25.17
N ILE B 228 -7.26 -7.75 26.23
CA ILE B 228 -6.41 -6.59 26.48
C ILE B 228 -5.80 -6.74 27.87
N TYR B 229 -4.47 -6.81 27.92
CA TYR B 229 -3.75 -7.05 29.17
C TYR B 229 -2.81 -5.87 29.43
N SER B 230 -2.81 -5.39 30.67
CA SER B 230 -2.02 -4.23 31.08
C SER B 230 -0.90 -4.69 32.00
N ALA B 231 0.31 -4.73 31.46
CA ALA B 231 1.51 -5.15 32.18
C ALA B 231 2.20 -4.00 32.92
N THR B 232 1.44 -3.04 33.44
CA THR B 232 2.03 -1.83 34.02
C THR B 232 2.96 -2.17 35.18
N LYS B 233 2.44 -2.75 36.25
CA LYS B 233 3.22 -2.98 37.45
C LYS B 233 3.97 -4.31 37.44
N THR B 234 3.56 -5.26 36.61
CA THR B 234 4.08 -6.62 36.68
C THR B 234 5.02 -6.99 35.54
N GLY B 235 5.13 -6.17 34.50
CA GLY B 235 5.97 -6.48 33.37
C GLY B 235 5.26 -7.34 32.34
N LYS B 236 5.76 -7.24 31.09
CA LYS B 236 5.09 -7.89 29.97
C LYS B 236 5.20 -9.41 30.01
N GLU B 237 6.24 -9.94 30.67
CA GLU B 237 6.41 -11.38 30.74
C GLU B 237 5.24 -12.06 31.43
N SER B 238 4.74 -11.47 32.52
CA SER B 238 3.60 -12.05 33.22
C SER B 238 2.37 -12.13 32.32
N CYS B 239 2.20 -11.14 31.44
CA CYS B 239 1.04 -11.17 30.54
C CYS B 239 1.19 -12.25 29.46
N PHE B 240 2.40 -12.40 28.91
CA PHE B 240 2.61 -13.40 27.87
C PHE B 240 2.37 -14.81 28.38
N GLU B 241 2.93 -15.14 29.56
CA GLU B 241 2.65 -16.44 30.16
C GLU B 241 1.17 -16.59 30.48
N ARG B 242 0.51 -15.49 30.86
CA ARG B 242 -0.91 -15.51 31.13
C ARG B 242 -1.75 -15.71 29.87
N ILE B 243 -1.20 -15.37 28.70
CA ILE B 243 -1.94 -15.52 27.45
C ILE B 243 -1.94 -16.97 26.99
N MET B 244 -0.76 -17.60 26.97
CA MET B 244 -0.66 -18.97 26.45
C MET B 244 -1.51 -19.95 27.25
N GLN B 245 -1.64 -19.75 28.56
CA GLN B 245 -2.52 -20.60 29.36
C GLN B 245 -3.97 -20.47 28.94
N ARG B 246 -4.36 -19.37 28.30
CA ARG B 246 -5.74 -19.19 27.87
C ARG B 246 -5.99 -19.86 26.52
N PHE B 247 -5.11 -19.61 25.55
CA PHE B 247 -5.30 -20.12 24.19
C PHE B 247 -4.65 -21.48 23.97
N GLY B 248 -3.90 -21.99 24.93
CA GLY B 248 -3.38 -23.33 24.88
C GLY B 248 -2.06 -23.44 24.14
N ARG B 249 -1.63 -24.68 23.93
CA ARG B 249 -0.38 -24.97 23.24
C ARG B 249 -0.57 -25.35 21.78
N LYS B 250 -1.81 -25.59 21.35
CA LYS B 250 -2.08 -25.95 19.96
C LYS B 250 -2.23 -24.73 19.05
N ALA B 251 -1.93 -23.53 19.56
CA ALA B 251 -2.05 -22.31 18.80
C ALA B 251 -0.67 -21.74 18.50
N VAL B 252 -0.60 -20.93 17.46
CA VAL B 252 0.64 -20.29 17.04
C VAL B 252 0.59 -18.84 17.51
N TYR B 253 1.40 -18.51 18.52
CA TYR B 253 1.42 -17.17 19.07
C TYR B 253 2.43 -16.34 18.30
N VAL B 254 2.00 -15.17 17.82
CA VAL B 254 2.83 -14.26 17.05
C VAL B 254 2.72 -12.87 17.68
N VAL B 255 3.85 -12.22 17.87
CA VAL B 255 3.92 -10.89 18.47
C VAL B 255 4.15 -9.87 17.37
N ILE B 256 3.27 -8.87 17.31
CA ILE B 256 3.36 -7.78 16.35
C ILE B 256 3.49 -6.49 17.14
N GLY B 257 4.62 -5.80 16.98
CA GLY B 257 4.81 -4.59 17.75
C GLY B 257 5.90 -3.72 17.16
N ASP B 258 6.19 -2.63 17.88
CA ASP B 258 7.18 -1.66 17.47
C ASP B 258 8.17 -1.45 18.61
N GLY B 259 9.45 -1.38 18.26
CA GLY B 259 10.51 -1.28 19.23
C GLY B 259 11.24 -2.59 19.40
N VAL B 260 11.97 -2.69 20.51
CA VAL B 260 12.77 -3.86 20.82
C VAL B 260 12.54 -4.27 22.27
N GLU B 261 11.82 -3.42 23.01
CA GLU B 261 11.58 -3.69 24.42
C GLU B 261 10.89 -5.03 24.65
N GLU B 262 9.94 -5.39 23.78
CA GLU B 262 9.28 -6.69 23.84
C GLU B 262 9.95 -7.74 22.95
N GLU B 263 10.99 -7.36 22.22
CA GLU B 263 11.60 -8.28 21.27
C GLU B 263 12.18 -9.51 21.97
N GLN B 264 13.00 -9.30 23.01
CA GLN B 264 13.56 -10.42 23.74
C GLN B 264 12.56 -11.03 24.73
N GLY B 265 11.66 -10.22 25.29
CA GLY B 265 10.66 -10.78 26.19
C GLY B 265 9.72 -11.74 25.50
N ALA B 266 9.49 -11.55 24.20
CA ALA B 266 8.71 -12.49 23.40
C ALA B 266 9.56 -13.57 22.75
N LYS B 267 10.86 -13.31 22.58
CA LYS B 267 11.75 -14.29 21.97
C LYS B 267 11.99 -15.49 22.89
N LYS B 268 12.13 -15.24 24.19
CA LYS B 268 12.43 -16.30 25.14
C LYS B 268 11.28 -17.31 25.27
N HIS B 269 10.18 -17.14 24.53
CA HIS B 269 9.10 -18.11 24.43
C HIS B 269 8.84 -18.51 22.98
N ASN B 270 9.81 -18.23 22.10
CA ASN B 270 9.76 -18.61 20.69
C ASN B 270 8.50 -18.09 20.00
N MET B 271 8.15 -16.84 20.29
CA MET B 271 7.06 -16.17 19.58
C MET B 271 7.67 -15.26 18.53
N PRO B 272 7.37 -15.46 17.24
CA PRO B 272 8.00 -14.63 16.22
C PRO B 272 7.63 -13.15 16.39
N PHE B 273 8.66 -12.31 16.42
CA PHE B 273 8.48 -10.87 16.60
C PHE B 273 8.40 -10.22 15.23
N TRP B 274 7.32 -9.49 14.99
CA TRP B 274 7.10 -8.78 13.73
C TRP B 274 7.23 -7.30 14.02
N ARG B 275 8.41 -6.74 13.75
CA ARG B 275 8.63 -5.31 13.91
C ARG B 275 7.68 -4.53 13.01
N ILE B 276 7.40 -3.29 13.41
CA ILE B 276 6.38 -2.51 12.73
C ILE B 276 6.75 -1.03 12.73
N SER B 277 8.04 -0.75 12.90
CA SER B 277 8.53 0.62 13.02
C SER B 277 8.08 1.49 11.84
N CYS B 278 8.53 1.16 10.64
CA CYS B 278 8.23 1.97 9.46
C CYS B 278 6.79 1.75 9.01
N HIS B 279 6.38 2.56 8.01
CA HIS B 279 5.06 2.37 7.41
C HIS B 279 5.04 1.20 6.45
N ALA B 280 6.15 0.99 5.72
CA ALA B 280 6.25 -0.15 4.81
C ALA B 280 6.31 -1.47 5.56
N ASP B 281 6.68 -1.46 6.84
CA ASP B 281 6.64 -2.67 7.66
C ASP B 281 5.22 -3.23 7.78
N LEU B 282 4.20 -2.36 7.68
CA LEU B 282 2.82 -2.82 7.71
C LEU B 282 2.40 -3.40 6.37
N GLU B 283 2.80 -2.76 5.27
CA GLU B 283 2.51 -3.30 3.95
C GLU B 283 3.08 -4.70 3.79
N ALA B 284 4.28 -4.94 4.34
CA ALA B 284 4.85 -6.28 4.31
C ALA B 284 4.08 -7.23 5.22
N LEU B 285 3.67 -6.75 6.40
CA LEU B 285 2.89 -7.59 7.31
C LEU B 285 1.54 -7.95 6.69
N ARG B 286 0.84 -6.96 6.12
CA ARG B 286 -0.44 -7.24 5.48
C ARG B 286 -0.25 -8.19 4.30
N HIS B 287 0.82 -8.01 3.54
CA HIS B 287 1.13 -8.94 2.45
C HIS B 287 1.32 -10.35 2.99
N ALA B 288 2.10 -10.50 4.06
CA ALA B 288 2.27 -11.81 4.69
C ALA B 288 0.97 -12.35 5.27
N LEU B 289 0.02 -11.47 5.60
CA LEU B 289 -1.29 -11.92 6.07
C LEU B 289 -2.25 -12.22 4.92
N GLU B 290 -2.19 -11.43 3.84
CA GLU B 290 -3.05 -11.67 2.70
C GLU B 290 -2.76 -13.01 2.03
N LEU B 291 -1.50 -13.43 2.01
CA LEU B 291 -1.09 -14.65 1.35
C LEU B 291 -1.04 -15.86 2.29
N GLU B 292 -1.73 -15.76 3.43
CA GLU B 292 -1.86 -16.84 4.40
C GLU B 292 -0.50 -17.34 4.92
N TYR B 293 0.55 -16.53 4.81
CA TYR B 293 1.82 -16.89 5.43
C TYR B 293 1.74 -16.86 6.94
N LEU B 294 0.72 -16.21 7.50
CA LEU B 294 0.48 -16.22 8.95
C LEU B 294 -0.93 -16.70 9.24
N ALA C 18 3.22 4.52 2.27
CA ALA C 18 2.25 3.49 1.93
C ALA C 18 0.85 3.89 2.41
N GLY C 19 0.64 5.18 2.62
CA GLY C 19 -0.66 5.70 2.96
C GLY C 19 -1.29 6.55 1.88
N ASP C 20 -0.79 6.49 0.65
CA ASP C 20 -1.30 7.33 -0.43
C ASP C 20 -1.68 6.48 -1.64
N ASN C 21 -0.72 5.84 -2.31
CA ASN C 21 -1.01 5.10 -3.53
C ASN C 21 -1.63 3.73 -3.25
N GLU C 22 -2.45 3.66 -2.21
CA GLU C 22 -3.15 2.43 -1.83
C GLU C 22 -4.53 2.32 -2.46
N ILE C 23 -4.85 3.17 -3.43
CA ILE C 23 -6.16 3.14 -4.06
C ILE C 23 -6.22 1.98 -5.04
N GLU C 24 -7.32 1.22 -4.99
CA GLU C 24 -7.53 0.07 -5.85
C GLU C 24 -8.34 0.40 -7.09
N ARG C 25 -9.37 1.22 -6.94
CA ARG C 25 -10.22 1.65 -8.04
C ARG C 25 -10.12 3.16 -8.19
N VAL C 26 -10.06 3.62 -9.44
CA VAL C 26 -9.91 5.04 -9.75
C VAL C 26 -11.09 5.46 -10.60
N PHE C 27 -11.74 6.56 -10.20
CA PHE C 27 -12.90 7.08 -10.89
C PHE C 27 -12.51 8.39 -11.56
N VAL C 28 -12.46 8.38 -12.88
CA VAL C 28 -12.12 9.57 -13.65
C VAL C 28 -13.43 10.30 -13.97
N TRP C 29 -13.52 11.55 -13.55
CA TRP C 29 -14.72 12.35 -13.76
C TRP C 29 -14.48 13.36 -14.86
N ASP C 30 -15.48 13.53 -15.73
CA ASP C 30 -15.49 14.56 -16.76
C ASP C 30 -16.79 15.32 -16.56
N LEU C 31 -16.79 16.24 -15.58
CA LEU C 31 -17.99 16.99 -15.23
C LEU C 31 -18.14 18.26 -16.05
N ASP C 32 -17.45 18.35 -17.20
CA ASP C 32 -17.79 19.35 -18.18
C ASP C 32 -19.19 19.10 -18.72
N GLU C 33 -19.72 20.09 -19.44
CA GLU C 33 -21.04 20.07 -20.07
C GLU C 33 -22.20 20.06 -19.06
N THR C 34 -21.92 20.00 -17.76
CA THR C 34 -22.95 20.03 -16.72
C THR C 34 -22.54 20.85 -15.51
N ILE C 35 -21.26 20.83 -15.13
CA ILE C 35 -20.84 21.50 -13.91
C ILE C 35 -19.68 22.43 -14.21
N ILE C 36 -18.57 21.89 -14.71
CA ILE C 36 -17.36 22.67 -14.96
C ILE C 36 -17.59 23.63 -16.11
N ILE C 37 -17.67 23.11 -17.33
CA ILE C 37 -17.95 23.92 -18.52
C ILE C 37 -19.45 23.79 -18.77
N PHE C 38 -20.23 24.64 -18.12
CA PHE C 38 -21.69 24.64 -18.32
C PHE C 38 -22.06 25.61 -19.45
N HIS C 39 -21.45 25.37 -20.62
CA HIS C 39 -21.67 26.23 -21.76
C HIS C 39 -23.09 26.16 -22.30
N SER C 40 -23.89 25.19 -21.84
CA SER C 40 -25.30 25.16 -22.18
C SER C 40 -26.06 26.29 -21.50
N LEU C 41 -25.55 26.78 -20.37
CA LEU C 41 -26.19 27.89 -19.66
C LEU C 41 -26.16 29.17 -20.49
N LEU C 42 -24.96 29.63 -20.82
CA LEU C 42 -24.81 30.92 -21.50
C LEU C 42 -25.38 30.89 -22.92
N THR C 43 -25.28 29.76 -23.62
CA THR C 43 -25.83 29.66 -24.96
C THR C 43 -27.35 29.65 -24.97
N GLY C 44 -27.99 29.34 -23.84
CA GLY C 44 -29.43 29.20 -23.80
C GLY C 44 -29.95 27.85 -24.27
N THR C 45 -29.07 26.96 -24.74
CA THR C 45 -29.51 25.64 -25.16
C THR C 45 -30.02 24.82 -23.98
N PHE C 46 -29.49 25.07 -22.78
CA PHE C 46 -29.96 24.37 -21.59
C PHE C 46 -31.43 24.65 -21.31
N ALA C 47 -31.85 25.91 -21.46
CA ALA C 47 -33.23 26.26 -21.20
C ALA C 47 -34.17 25.67 -22.24
N SER C 48 -33.71 25.50 -23.48
CA SER C 48 -34.56 24.92 -24.52
C SER C 48 -34.74 23.43 -24.31
N ARG C 49 -33.67 22.72 -23.93
CA ARG C 49 -33.75 21.28 -23.74
C ARG C 49 -34.66 20.93 -22.57
N TYR C 50 -34.55 21.67 -21.46
CA TYR C 50 -35.22 21.32 -20.22
C TYR C 50 -36.41 22.23 -19.91
N GLY C 51 -36.83 23.05 -20.86
CA GLY C 51 -38.02 23.87 -20.66
C GLY C 51 -37.89 24.89 -19.57
N LYS C 52 -36.74 25.55 -19.48
CA LYS C 52 -36.48 26.57 -18.48
C LYS C 52 -36.49 27.96 -19.12
N ASP C 53 -36.47 28.97 -18.28
CA ASP C 53 -36.42 30.35 -18.75
C ASP C 53 -35.03 30.67 -19.27
N THR C 54 -34.93 31.08 -20.52
CA THR C 54 -33.63 31.33 -21.13
C THR C 54 -32.94 32.52 -20.45
N THR C 55 -33.65 33.63 -20.30
CA THR C 55 -33.02 34.84 -19.78
C THR C 55 -32.61 34.67 -18.32
N THR C 56 -33.43 33.99 -17.53
CA THR C 56 -33.07 33.75 -16.13
C THR C 56 -31.83 32.87 -16.02
N SER C 57 -31.72 31.86 -16.88
CA SER C 57 -30.57 30.95 -16.83
C SER C 57 -29.29 31.67 -17.23
N VAL C 58 -29.34 32.51 -18.27
CA VAL C 58 -28.14 33.20 -18.72
C VAL C 58 -27.63 34.17 -17.66
N ARG C 59 -28.54 34.87 -16.97
CA ARG C 59 -28.11 35.79 -15.93
C ARG C 59 -27.34 35.05 -14.84
N ILE C 60 -27.81 33.86 -14.45
CA ILE C 60 -27.13 33.09 -13.42
C ILE C 60 -25.78 32.60 -13.92
N GLY C 61 -25.71 32.21 -15.21
CA GLY C 61 -24.45 31.75 -15.75
C GLY C 61 -23.43 32.87 -15.90
N LEU C 62 -23.88 34.07 -16.28
CA LEU C 62 -22.95 35.18 -16.45
C LEU C 62 -22.40 35.64 -15.10
N MET C 63 -23.22 35.59 -14.05
CA MET C 63 -22.73 35.98 -12.73
C MET C 63 -21.75 34.95 -12.18
N MET C 64 -22.01 33.66 -12.42
CA MET C 64 -21.06 32.63 -12.00
C MET C 64 -19.71 32.83 -12.68
N GLU C 65 -19.70 32.98 -14.00
CA GLU C 65 -18.46 33.24 -14.72
C GLU C 65 -17.76 34.50 -14.23
N GLU C 66 -18.52 35.44 -13.66
CA GLU C 66 -17.92 36.64 -13.08
C GLU C 66 -17.32 36.35 -11.71
N MET C 67 -18.09 35.72 -10.82
CA MET C 67 -17.57 35.35 -9.50
C MET C 67 -16.37 34.41 -9.62
N ILE C 68 -16.34 33.57 -10.65
CA ILE C 68 -15.21 32.67 -10.86
C ILE C 68 -13.96 33.46 -11.23
N PHE C 69 -14.06 34.30 -12.26
CA PHE C 69 -12.90 35.09 -12.70
C PHE C 69 -12.46 36.06 -11.62
N ASN C 70 -13.39 36.54 -10.79
CA ASN C 70 -13.02 37.40 -9.68
C ASN C 70 -12.16 36.67 -8.65
N LEU C 71 -12.30 35.35 -8.55
CA LEU C 71 -11.45 34.59 -7.63
C LEU C 71 -10.07 34.31 -8.23
N ALA C 72 -10.02 33.99 -9.52
CA ALA C 72 -8.74 33.64 -10.13
C ALA C 72 -7.85 34.88 -10.27
N ASP C 73 -8.44 36.03 -10.59
CA ASP C 73 -7.63 37.25 -10.75
C ASP C 73 -7.17 37.82 -9.42
N THR C 74 -7.92 37.59 -8.34
CA THR C 74 -7.61 38.17 -7.04
C THR C 74 -6.99 37.18 -6.06
N HIS C 75 -6.88 35.90 -6.44
CA HIS C 75 -6.33 34.90 -5.52
C HIS C 75 -5.41 33.88 -6.18
N LEU C 76 -5.61 33.54 -7.45
CA LEU C 76 -4.84 32.48 -8.10
C LEU C 76 -3.97 33.01 -9.22
N PHE C 77 -3.77 34.32 -9.30
CA PHE C 77 -2.82 34.93 -10.23
C PHE C 77 -3.19 34.61 -11.68
N PHE C 78 -4.46 34.84 -12.02
CA PHE C 78 -4.95 34.55 -13.36
C PHE C 78 -4.20 35.37 -14.41
N ASN C 79 -4.25 36.70 -14.30
CA ASN C 79 -3.59 37.56 -15.28
C ASN C 79 -2.13 37.18 -15.48
N ASP C 80 -1.51 36.60 -14.45
CA ASP C 80 -0.15 36.08 -14.61
C ASP C 80 -0.14 34.77 -15.38
N LEU C 81 -1.08 33.87 -15.08
CA LEU C 81 -1.09 32.52 -15.62
C LEU C 81 -2.12 32.30 -16.72
N GLU C 82 -2.57 33.36 -17.39
CA GLU C 82 -3.58 33.17 -18.43
C GLU C 82 -3.01 32.40 -19.61
N ASP C 83 -1.81 32.80 -20.07
CA ASP C 83 -1.14 32.09 -21.15
C ASP C 83 -0.32 30.91 -20.68
N CYS C 84 0.16 30.93 -19.43
CA CYS C 84 0.98 29.84 -18.89
C CYS C 84 0.08 28.67 -18.50
N ASP C 85 -0.59 28.09 -19.51
CA ASP C 85 -1.54 27.01 -19.30
C ASP C 85 -0.81 25.70 -19.10
N GLN C 86 -0.58 25.34 -17.83
CA GLN C 86 -0.07 24.02 -17.51
C GLN C 86 -1.22 23.02 -17.49
N ILE C 87 -0.88 21.76 -17.20
CA ILE C 87 -1.88 20.70 -17.14
C ILE C 87 -2.06 20.17 -15.72
N HIS C 88 -1.01 20.12 -14.92
CA HIS C 88 -1.10 19.79 -13.51
C HIS C 88 -0.34 20.86 -12.72
N VAL C 89 -0.71 21.00 -11.44
CA VAL C 89 -0.11 22.03 -10.62
C VAL C 89 1.36 21.74 -10.34
N ASP C 90 1.72 20.46 -10.19
CA ASP C 90 3.08 20.06 -9.86
C ASP C 90 3.96 19.82 -11.08
N ASP C 91 3.61 20.37 -12.24
CA ASP C 91 4.40 20.10 -13.43
C ASP C 91 5.76 20.80 -13.39
N VAL C 92 5.78 22.07 -13.01
CA VAL C 92 7.02 22.82 -12.92
C VAL C 92 7.55 22.85 -11.48
N SER C 93 7.17 21.87 -10.66
CA SER C 93 7.58 21.79 -9.26
C SER C 93 9.08 21.55 -9.08
N SER C 94 9.84 21.37 -10.17
CA SER C 94 11.26 21.06 -10.04
C SER C 94 12.09 22.31 -9.71
N ASP C 95 11.69 23.46 -10.23
CA ASP C 95 12.48 24.68 -10.10
C ASP C 95 12.17 25.45 -8.83
N ASP C 96 11.51 24.83 -7.86
CA ASP C 96 11.02 25.51 -6.67
C ASP C 96 12.10 25.46 -5.58
N ASN C 97 12.73 26.59 -5.31
CA ASN C 97 13.54 26.73 -4.11
C ASN C 97 12.59 26.78 -2.93
N GLY C 98 12.38 25.63 -2.28
CA GLY C 98 11.34 25.52 -1.28
C GLY C 98 11.58 26.40 -0.08
N GLN C 99 10.76 27.45 0.05
CA GLN C 99 10.96 28.46 1.08
C GLN C 99 9.61 28.95 1.57
N ASP C 100 9.58 29.38 2.82
CA ASP C 100 8.37 29.98 3.38
C ASP C 100 8.20 31.34 2.74
N LEU C 101 7.26 31.45 1.79
CA LEU C 101 7.06 32.65 1.00
C LEU C 101 5.82 33.42 1.43
N SER C 102 5.49 33.39 2.72
CA SER C 102 4.36 34.16 3.23
C SER C 102 4.56 35.66 3.04
N THR C 103 5.81 36.11 2.92
CA THR C 103 6.13 37.51 2.70
C THR C 103 6.47 37.81 1.25
N TYR C 104 6.53 36.78 0.39
CA TYR C 104 6.83 36.98 -1.02
C TYR C 104 5.79 37.86 -1.65
N ASN C 105 6.20 39.04 -2.11
CA ASN C 105 5.27 39.99 -2.71
C ASN C 105 5.09 39.60 -4.16
N PHE C 106 3.97 38.95 -4.48
CA PHE C 106 3.75 38.48 -5.84
C PHE C 106 3.57 39.64 -6.80
N SER C 107 3.09 40.78 -6.31
CA SER C 107 2.96 41.97 -7.14
C SER C 107 4.32 42.58 -7.48
N ALA C 108 5.36 42.27 -6.69
CA ALA C 108 6.69 42.83 -6.87
C ALA C 108 7.68 41.69 -7.13
N ASP C 109 7.70 41.21 -8.38
CA ASP C 109 8.70 40.26 -8.82
C ASP C 109 8.91 40.46 -10.31
N GLY C 110 9.86 39.71 -10.88
CA GLY C 110 10.15 39.87 -12.30
C GLY C 110 9.23 39.09 -13.20
N PHE C 111 8.00 38.85 -12.75
CA PHE C 111 7.01 38.11 -13.51
C PHE C 111 6.06 39.08 -14.22
N HIS C 112 5.74 38.78 -15.47
CA HIS C 112 4.82 39.60 -16.23
C HIS C 112 4.18 38.80 -17.36
N SER C 113 3.15 38.02 -17.03
CA SER C 113 2.40 37.22 -17.99
C SER C 113 3.31 36.31 -18.83
N GLY C 129 15.05 32.65 -19.85
CA GLY C 129 14.14 32.69 -18.73
C GLY C 129 14.49 31.70 -17.63
N VAL C 130 15.50 32.03 -16.84
CA VAL C 130 15.97 31.15 -15.78
C VAL C 130 15.41 31.61 -14.44
N ASP C 131 15.19 32.91 -14.28
CA ASP C 131 14.62 33.46 -13.06
C ASP C 131 13.10 33.42 -13.05
N TRP C 132 12.47 33.26 -14.22
CA TRP C 132 11.02 33.23 -14.29
C TRP C 132 10.44 31.87 -13.93
N MET C 133 11.09 30.78 -14.33
CA MET C 133 10.59 29.46 -13.97
C MET C 133 10.56 29.27 -12.45
N ARG C 134 11.53 29.84 -11.74
CA ARG C 134 11.48 29.81 -10.28
C ARG C 134 10.35 30.69 -9.76
N LYS C 135 10.15 31.84 -10.40
CA LYS C 135 9.04 32.72 -10.02
C LYS C 135 7.69 32.16 -10.45
N LEU C 136 7.65 31.43 -11.57
CA LEU C 136 6.39 30.84 -12.01
C LEU C 136 5.96 29.69 -11.10
N ALA C 137 6.92 28.87 -10.66
CA ALA C 137 6.58 27.75 -9.80
C ALA C 137 6.11 28.22 -8.42
N PHE C 138 6.63 29.36 -7.96
CA PHE C 138 6.16 29.96 -6.71
C PHE C 138 4.65 30.15 -6.73
N ARG C 139 4.10 30.54 -7.88
CA ARG C 139 2.67 30.83 -7.95
C ARG C 139 1.85 29.56 -7.88
N TYR C 140 2.26 28.51 -8.59
CA TYR C 140 1.52 27.25 -8.55
C TYR C 140 1.60 26.59 -7.18
N ARG C 141 2.77 26.69 -6.53
CA ARG C 141 2.89 26.15 -5.17
C ARG C 141 2.01 26.93 -4.20
N ARG C 142 1.90 28.25 -4.38
CA ARG C 142 1.00 29.04 -3.55
C ARG C 142 -0.46 28.69 -3.83
N VAL C 143 -0.81 28.47 -5.10
CA VAL C 143 -2.17 28.06 -5.44
C VAL C 143 -2.52 26.74 -4.76
N LYS C 144 -1.58 25.79 -4.74
CA LYS C 144 -1.84 24.54 -4.04
C LYS C 144 -2.01 24.79 -2.54
N GLU C 145 -1.17 25.65 -1.96
CA GLU C 145 -1.26 25.95 -0.54
C GLU C 145 -2.63 26.53 -0.18
N MET C 146 -3.10 27.49 -0.97
CA MET C 146 -4.41 28.08 -0.71
C MET C 146 -5.53 27.07 -0.94
N TYR C 147 -5.38 26.19 -1.94
CA TYR C 147 -6.37 25.15 -2.18
C TYR C 147 -6.49 24.23 -0.96
N ASN C 148 -5.36 23.64 -0.55
CA ASN C 148 -5.39 22.71 0.58
C ASN C 148 -5.82 23.40 1.87
N THR C 149 -5.81 24.73 1.90
CA THR C 149 -6.22 25.49 3.08
C THR C 149 -7.71 25.81 3.05
N TYR C 150 -8.24 26.21 1.89
CA TYR C 150 -9.60 26.72 1.77
C TYR C 150 -10.51 25.80 0.98
N LYS C 151 -10.16 24.52 0.84
CA LYS C 151 -10.98 23.61 0.05
C LYS C 151 -12.26 23.18 0.78
N ASN C 152 -12.27 23.23 2.12
CA ASN C 152 -13.48 22.99 2.88
C ASN C 152 -13.97 24.24 3.59
N ASN C 153 -13.34 25.39 3.33
CA ASN C 153 -13.77 26.68 3.86
C ASN C 153 -13.49 27.72 2.78
N VAL C 154 -14.48 27.95 1.92
CA VAL C 154 -14.29 28.90 0.82
C VAL C 154 -14.67 30.30 1.26
N GLY C 155 -15.58 30.41 2.23
CA GLY C 155 -15.89 31.67 2.86
C GLY C 155 -14.70 32.30 3.56
N GLY C 156 -13.68 31.51 3.88
CA GLY C 156 -12.47 32.06 4.48
C GLY C 156 -11.55 32.72 3.47
N LEU C 157 -11.57 32.26 2.23
CA LEU C 157 -10.76 32.89 1.18
C LEU C 157 -11.41 34.19 0.72
N ILE C 158 -12.54 34.08 0.01
CA ILE C 158 -13.38 35.23 -0.28
C ILE C 158 -14.35 35.39 0.89
N GLY C 159 -14.17 36.47 1.66
CA GLY C 159 -14.99 36.66 2.84
C GLY C 159 -16.46 36.76 2.50
N THR C 160 -17.30 36.32 3.44
CA THR C 160 -18.74 36.51 3.33
C THR C 160 -19.02 38.00 3.16
N PRO C 161 -20.05 38.39 2.38
CA PRO C 161 -21.05 37.50 1.78
C PRO C 161 -20.64 36.88 0.45
N LYS C 162 -19.39 37.06 0.00
CA LYS C 162 -18.99 36.50 -1.28
C LYS C 162 -19.19 34.99 -1.34
N ARG C 163 -19.25 34.32 -0.18
CA ARG C 163 -19.73 32.96 -0.12
C ARG C 163 -21.25 32.89 -0.03
N GLU C 164 -21.84 33.73 0.82
CA GLU C 164 -23.29 33.81 0.91
C GLU C 164 -23.90 34.29 -0.40
N THR C 165 -23.22 35.19 -1.11
CA THR C 165 -23.69 35.60 -2.43
C THR C 165 -23.70 34.42 -3.40
N TRP C 166 -22.70 33.55 -3.32
CA TRP C 166 -22.67 32.37 -4.17
C TRP C 166 -23.59 31.27 -3.64
N LEU C 167 -23.57 31.06 -2.32
CA LEU C 167 -24.47 30.05 -1.73
C LEU C 167 -25.92 30.35 -2.03
N GLN C 168 -26.29 31.64 -2.08
CA GLN C 168 -27.61 31.98 -2.58
C GLN C 168 -27.70 31.76 -4.08
N LEU C 169 -26.61 32.06 -4.80
CA LEU C 169 -26.59 31.86 -6.25
C LEU C 169 -26.64 30.39 -6.61
N ARG C 170 -26.02 29.53 -5.81
CA ARG C 170 -26.07 28.09 -6.06
C ARG C 170 -27.52 27.60 -6.02
N ALA C 171 -28.23 27.92 -4.94
CA ALA C 171 -29.63 27.49 -4.81
C ALA C 171 -30.49 28.04 -5.94
N GLU C 172 -30.16 29.23 -6.45
CA GLU C 172 -30.90 29.78 -7.57
C GLU C 172 -30.67 28.98 -8.85
N LEU C 173 -29.50 28.37 -9.01
CA LEU C 173 -29.23 27.56 -10.19
C LEU C 173 -29.65 26.11 -10.01
N GLU C 174 -29.32 25.51 -8.86
CA GLU C 174 -29.73 24.15 -8.59
C GLU C 174 -31.25 23.98 -8.57
N ALA C 175 -31.99 25.08 -8.33
CA ALA C 175 -33.44 25.04 -8.45
C ALA C 175 -33.89 24.89 -9.90
N LEU C 176 -32.99 25.15 -10.87
CA LEU C 176 -33.27 24.93 -12.28
C LEU C 176 -32.77 23.58 -12.77
N THR C 177 -31.66 23.09 -12.23
CA THR C 177 -31.09 21.81 -12.62
C THR C 177 -31.52 20.67 -11.71
N ASP C 178 -32.52 20.90 -10.85
CA ASP C 178 -33.01 19.90 -9.91
C ASP C 178 -31.89 19.35 -9.04
N LEU C 179 -31.07 20.27 -8.50
CA LEU C 179 -30.00 19.94 -7.57
C LEU C 179 -29.02 18.95 -8.20
N TRP C 180 -28.52 19.30 -9.40
CA TRP C 180 -27.61 18.43 -10.11
C TRP C 180 -26.26 18.33 -9.41
N LEU C 181 -25.69 19.48 -9.04
CA LEU C 181 -24.42 19.47 -8.32
C LEU C 181 -24.57 18.80 -6.95
N THR C 182 -25.68 19.07 -6.26
CA THR C 182 -25.94 18.40 -4.99
C THR C 182 -26.10 16.89 -5.17
N HIS C 183 -26.76 16.47 -6.25
CA HIS C 183 -26.95 15.04 -6.48
C HIS C 183 -25.62 14.37 -6.82
N SER C 184 -24.80 15.02 -7.65
CA SER C 184 -23.50 14.43 -7.99
C SER C 184 -22.57 14.41 -6.80
N LEU C 185 -22.75 15.33 -5.85
CA LEU C 185 -21.92 15.33 -4.65
C LEU C 185 -22.20 14.12 -3.77
N LYS C 186 -23.44 13.61 -3.81
CA LYS C 186 -23.76 12.38 -3.10
C LYS C 186 -22.90 11.23 -3.61
N ALA C 187 -22.74 11.12 -4.93
CA ALA C 187 -21.87 10.09 -5.49
C ALA C 187 -20.40 10.37 -5.26
N LEU C 188 -20.01 11.66 -5.24
CA LEU C 188 -18.60 12.00 -5.05
C LEU C 188 -18.15 11.74 -3.62
N ASN C 189 -18.97 12.12 -2.63
CA ASN C 189 -18.62 11.83 -1.25
C ASN C 189 -18.73 10.35 -0.94
N LEU C 190 -19.65 9.64 -1.63
CA LEU C 190 -19.74 8.20 -1.47
C LEU C 190 -18.50 7.49 -1.99
N ILE C 191 -17.76 8.11 -2.90
CA ILE C 191 -16.52 7.54 -3.41
C ILE C 191 -15.31 8.07 -2.64
N ASN C 192 -15.28 9.37 -2.34
CA ASN C 192 -14.18 9.93 -1.57
C ASN C 192 -14.09 9.27 -0.19
N SER C 193 -15.23 8.90 0.40
CA SER C 193 -15.26 8.23 1.69
C SER C 193 -14.76 6.79 1.60
N ARG C 194 -14.68 6.22 0.41
CA ARG C 194 -14.18 4.86 0.28
C ARG C 194 -12.66 4.83 0.46
N PRO C 195 -12.14 3.86 1.21
CA PRO C 195 -10.69 3.82 1.48
C PRO C 195 -9.88 3.26 0.31
N ASN C 196 -10.45 2.30 -0.41
CA ASN C 196 -9.76 1.68 -1.53
C ASN C 196 -9.96 2.42 -2.85
N CYS C 197 -10.94 3.31 -2.93
CA CYS C 197 -11.26 4.01 -4.16
C CYS C 197 -10.93 5.50 -4.04
N VAL C 198 -10.65 6.11 -5.19
CA VAL C 198 -10.39 7.54 -5.29
C VAL C 198 -11.00 8.05 -6.59
N ASN C 199 -11.21 9.37 -6.64
CA ASN C 199 -11.82 10.01 -7.81
C ASN C 199 -10.94 11.16 -8.28
N VAL C 200 -10.79 11.26 -9.61
CA VAL C 200 -10.00 12.32 -10.23
C VAL C 200 -10.89 13.06 -11.23
N LEU C 201 -10.43 14.25 -11.62
CA LEU C 201 -11.17 15.12 -12.52
C LEU C 201 -10.33 15.41 -13.76
N VAL C 202 -10.97 15.35 -14.94
CA VAL C 202 -10.33 15.65 -16.20
C VAL C 202 -11.24 16.60 -16.98
N THR C 203 -10.83 17.86 -17.08
CA THR C 203 -11.56 18.89 -17.82
C THR C 203 -10.67 19.47 -18.91
N THR C 204 -11.27 20.26 -19.79
CA THR C 204 -10.56 20.92 -20.87
C THR C 204 -10.31 22.40 -20.63
N THR C 205 -10.92 22.99 -19.60
CA THR C 205 -10.60 24.36 -19.24
C THR C 205 -9.15 24.47 -18.80
N GLN C 206 -8.64 25.70 -18.82
CA GLN C 206 -7.35 25.97 -18.22
C GLN C 206 -7.37 25.59 -16.75
N LEU C 207 -6.20 25.21 -16.22
CA LEU C 207 -6.15 24.60 -14.91
C LEU C 207 -6.63 25.56 -13.82
N ILE C 208 -6.14 26.81 -13.87
CA ILE C 208 -6.46 27.77 -12.81
C ILE C 208 -7.96 28.09 -12.74
N PRO C 209 -8.64 28.41 -13.84
CA PRO C 209 -10.10 28.63 -13.72
C PRO C 209 -10.85 27.40 -13.24
N ALA C 210 -10.42 26.21 -13.66
CA ALA C 210 -11.05 24.98 -13.16
C ALA C 210 -10.86 24.84 -11.66
N LEU C 211 -9.70 25.26 -11.15
CA LEU C 211 -9.48 25.26 -9.70
C LEU C 211 -10.43 26.22 -9.00
N ALA C 212 -10.75 27.34 -9.65
CA ALA C 212 -11.72 28.27 -9.08
C ALA C 212 -13.12 27.67 -9.02
N LYS C 213 -13.51 26.93 -10.05
CA LYS C 213 -14.84 26.32 -10.07
C LYS C 213 -14.93 25.19 -9.06
N VAL C 214 -13.92 24.32 -9.02
CA VAL C 214 -13.91 23.22 -8.05
C VAL C 214 -13.96 23.77 -6.62
N LEU C 215 -13.28 24.90 -6.40
CA LEU C 215 -13.25 25.48 -5.06
C LEU C 215 -14.61 26.04 -4.67
N LEU C 216 -15.21 26.87 -5.53
CA LEU C 216 -16.50 27.47 -5.24
C LEU C 216 -17.60 26.40 -5.15
N TYR C 217 -17.74 25.59 -6.20
CA TYR C 217 -18.90 24.71 -6.35
C TYR C 217 -19.03 23.71 -5.21
N GLY C 218 -17.97 23.48 -4.44
CA GLY C 218 -18.00 22.52 -3.38
C GLY C 218 -17.31 21.21 -3.69
N LEU C 219 -16.70 21.09 -4.87
CA LEU C 219 -15.98 19.89 -5.25
C LEU C 219 -14.58 19.83 -4.65
N GLY C 220 -14.21 20.82 -3.84
CA GLY C 220 -12.90 20.80 -3.22
C GLY C 220 -12.75 19.70 -2.20
N SER C 221 -13.84 19.35 -1.52
CA SER C 221 -13.80 18.28 -0.52
C SER C 221 -13.56 16.92 -1.17
N VAL C 222 -14.03 16.74 -2.40
CA VAL C 222 -13.98 15.43 -3.06
C VAL C 222 -12.86 15.29 -4.08
N PHE C 223 -12.31 16.41 -4.58
CA PHE C 223 -11.22 16.34 -5.54
C PHE C 223 -9.93 16.89 -4.96
N PRO C 224 -8.98 16.05 -4.56
CA PRO C 224 -7.65 16.58 -4.21
C PRO C 224 -7.01 17.22 -5.42
N ILE C 225 -6.31 18.34 -5.18
CA ILE C 225 -5.72 19.09 -6.29
C ILE C 225 -4.73 18.22 -7.06
N GLU C 226 -4.15 17.22 -6.39
CA GLU C 226 -3.23 16.29 -7.03
C GLU C 226 -3.93 15.35 -8.01
N ASN C 227 -5.26 15.43 -8.11
CA ASN C 227 -6.04 14.56 -9.00
C ASN C 227 -6.84 15.38 -10.01
N ILE C 228 -6.33 16.54 -10.41
CA ILE C 228 -7.02 17.41 -11.36
C ILE C 228 -6.08 17.68 -12.54
N TYR C 229 -6.50 17.25 -13.72
CA TYR C 229 -5.71 17.39 -14.94
C TYR C 229 -6.48 18.21 -15.97
N SER C 230 -5.78 19.13 -16.62
CA SER C 230 -6.38 20.03 -17.60
C SER C 230 -5.92 19.59 -18.98
N ALA C 231 -6.83 18.99 -19.74
CA ALA C 231 -6.51 18.49 -21.07
C ALA C 231 -6.63 19.58 -22.12
N THR C 232 -6.35 20.82 -21.72
CA THR C 232 -6.50 21.96 -22.63
C THR C 232 -5.56 21.82 -23.81
N LYS C 233 -4.25 21.80 -23.56
CA LYS C 233 -3.26 21.79 -24.63
C LYS C 233 -2.90 20.40 -25.12
N THR C 234 -3.11 19.36 -24.32
CA THR C 234 -2.59 18.04 -24.66
C THR C 234 -3.66 17.04 -25.05
N GLY C 235 -4.93 17.36 -24.86
CA GLY C 235 -6.00 16.43 -25.18
C GLY C 235 -6.29 15.45 -24.05
N LYS C 236 -7.53 14.94 -24.04
CA LYS C 236 -7.95 14.08 -22.95
C LYS C 236 -7.28 12.71 -23.00
N GLU C 237 -6.93 12.23 -24.19
CA GLU C 237 -6.25 10.94 -24.28
C GLU C 237 -4.91 10.98 -23.56
N SER C 238 -4.16 12.07 -23.74
CA SER C 238 -2.88 12.22 -23.05
C SER C 238 -3.06 12.26 -21.54
N CYS C 239 -4.16 12.84 -21.06
CA CYS C 239 -4.41 12.89 -19.62
C CYS C 239 -4.74 11.51 -19.07
N PHE C 240 -5.53 10.73 -19.81
CA PHE C 240 -5.88 9.39 -19.37
C PHE C 240 -4.64 8.51 -19.27
N GLU C 241 -3.79 8.54 -20.30
CA GLU C 241 -2.52 7.84 -20.23
C GLU C 241 -1.64 8.37 -19.11
N ARG C 242 -1.73 9.67 -18.82
CA ARG C 242 -0.99 10.26 -17.71
C ARG C 242 -1.49 9.76 -16.37
N ILE C 243 -2.74 9.30 -16.30
CA ILE C 243 -3.29 8.78 -15.05
C ILE C 243 -2.83 7.33 -14.84
N MET C 244 -2.97 6.49 -15.85
CA MET C 244 -2.60 5.09 -15.70
C MET C 244 -1.11 4.94 -15.37
N GLN C 245 -0.28 5.83 -15.91
CA GLN C 245 1.13 5.84 -15.54
C GLN C 245 1.32 6.13 -14.06
N ARG C 246 0.35 6.79 -13.42
CA ARG C 246 0.43 7.11 -12.00
C ARG C 246 -0.11 5.99 -11.12
N PHE C 247 -1.30 5.47 -11.44
CA PHE C 247 -1.93 4.45 -10.61
C PHE C 247 -1.62 3.02 -11.07
N GLY C 248 -0.97 2.84 -12.21
CA GLY C 248 -0.50 1.53 -12.61
C GLY C 248 -1.55 0.72 -13.35
N ARG C 249 -1.21 -0.55 -13.57
CA ARG C 249 -2.09 -1.49 -14.24
C ARG C 249 -2.85 -2.40 -13.27
N LYS C 250 -2.48 -2.41 -11.99
CA LYS C 250 -3.15 -3.20 -10.98
C LYS C 250 -4.39 -2.51 -10.40
N ALA C 251 -4.81 -1.40 -10.99
CA ALA C 251 -5.94 -0.62 -10.52
C ALA C 251 -7.11 -0.77 -11.48
N VAL C 252 -8.31 -0.51 -10.97
CA VAL C 252 -9.54 -0.58 -11.75
C VAL C 252 -9.95 0.84 -12.10
N TYR C 253 -9.77 1.22 -13.36
CA TYR C 253 -10.08 2.56 -13.83
C TYR C 253 -11.53 2.61 -14.31
N VAL C 254 -12.28 3.60 -13.81
CA VAL C 254 -13.67 3.80 -14.20
C VAL C 254 -13.82 5.25 -14.61
N VAL C 255 -14.42 5.48 -15.78
CA VAL C 255 -14.66 6.82 -16.30
C VAL C 255 -16.13 7.14 -16.13
N ILE C 256 -16.42 8.24 -15.44
CA ILE C 256 -17.78 8.71 -15.23
C ILE C 256 -17.86 10.11 -15.83
N GLY C 257 -18.69 10.25 -16.87
CA GLY C 257 -18.79 11.55 -17.50
C GLY C 257 -20.02 11.66 -18.37
N ASP C 258 -20.11 12.80 -19.04
CA ASP C 258 -21.23 13.14 -19.91
C ASP C 258 -20.67 13.62 -21.24
N GLY C 259 -21.30 13.24 -22.33
CA GLY C 259 -20.80 13.58 -23.64
C GLY C 259 -20.16 12.40 -24.33
N VAL C 260 -19.32 12.72 -25.32
CA VAL C 260 -18.67 11.70 -26.13
C VAL C 260 -17.19 11.97 -26.22
N GLU C 261 -16.76 13.15 -25.73
CA GLU C 261 -15.34 13.49 -25.76
C GLU C 261 -14.51 12.45 -25.02
N GLU C 262 -15.00 11.96 -23.88
CA GLU C 262 -14.34 10.89 -23.15
C GLU C 262 -14.85 9.51 -23.51
N GLU C 263 -15.89 9.42 -24.35
CA GLU C 263 -16.46 8.11 -24.68
C GLU C 263 -15.47 7.25 -25.47
N GLN C 264 -14.93 7.80 -26.55
CA GLN C 264 -13.93 7.06 -27.33
C GLN C 264 -12.54 7.13 -26.70
N GLY C 265 -12.23 8.23 -26.00
CA GLY C 265 -10.95 8.32 -25.32
C GLY C 265 -10.78 7.26 -24.26
N ALA C 266 -11.87 6.76 -23.70
CA ALA C 266 -11.82 5.67 -22.73
C ALA C 266 -11.85 4.30 -23.38
N LYS C 267 -12.31 4.19 -24.63
CA LYS C 267 -12.35 2.90 -25.29
C LYS C 267 -10.95 2.41 -25.64
N LYS C 268 -10.09 3.31 -26.12
CA LYS C 268 -8.74 2.93 -26.52
C LYS C 268 -7.85 2.52 -25.35
N HIS C 269 -8.34 2.59 -24.11
CA HIS C 269 -7.62 2.08 -22.95
C HIS C 269 -8.47 1.12 -22.12
N ASN C 270 -9.59 0.64 -22.68
CA ASN C 270 -10.45 -0.33 -21.99
C ASN C 270 -10.90 0.17 -20.62
N MET C 271 -11.31 1.44 -20.57
CA MET C 271 -11.87 2.01 -19.35
C MET C 271 -13.38 2.03 -19.47
N PRO C 272 -14.12 1.35 -18.59
CA PRO C 272 -15.58 1.33 -18.71
C PRO C 272 -16.16 2.72 -18.55
N PHE C 273 -16.98 3.12 -19.53
CA PHE C 273 -17.55 4.46 -19.56
C PHE C 273 -18.94 4.44 -18.93
N TRP C 274 -19.14 5.33 -17.95
CA TRP C 274 -20.42 5.49 -17.26
C TRP C 274 -21.02 6.82 -17.67
N ARG C 275 -21.95 6.78 -18.62
CA ARG C 275 -22.67 7.99 -19.00
C ARG C 275 -23.43 8.54 -17.81
N ILE C 276 -23.68 9.84 -17.82
CA ILE C 276 -24.25 10.51 -16.66
C ILE C 276 -25.17 11.63 -17.12
N SER C 277 -25.63 11.56 -18.38
CA SER C 277 -26.44 12.62 -18.96
C SER C 277 -27.69 12.90 -18.11
N CYS C 278 -28.56 11.91 -17.97
CA CYS C 278 -29.82 12.13 -17.28
C CYS C 278 -29.61 12.22 -15.77
N HIS C 279 -30.68 12.58 -15.06
CA HIS C 279 -30.64 12.60 -13.60
C HIS C 279 -30.78 11.20 -13.01
N ALA C 280 -31.59 10.35 -13.64
CA ALA C 280 -31.73 8.98 -13.18
C ALA C 280 -30.46 8.18 -13.36
N ASP C 281 -29.59 8.61 -14.29
CA ASP C 281 -28.28 7.97 -14.41
C ASP C 281 -27.44 8.15 -13.16
N LEU C 282 -27.66 9.24 -12.42
CA LEU C 282 -26.95 9.46 -11.17
C LEU C 282 -27.58 8.67 -10.02
N GLU C 283 -28.91 8.62 -9.95
CA GLU C 283 -29.56 7.83 -8.92
C GLU C 283 -29.19 6.35 -9.03
N ALA C 284 -29.05 5.84 -10.25
CA ALA C 284 -28.59 4.47 -10.43
C ALA C 284 -27.13 4.32 -10.04
N LEU C 285 -26.31 5.33 -10.33
CA LEU C 285 -24.90 5.28 -9.98
C LEU C 285 -24.71 5.15 -8.47
N ARG C 286 -25.45 5.93 -7.69
CA ARG C 286 -25.34 5.84 -6.24
C ARG C 286 -25.72 4.46 -5.71
N HIS C 287 -26.77 3.85 -6.28
CA HIS C 287 -27.14 2.50 -5.88
C HIS C 287 -26.01 1.51 -6.14
N ALA C 288 -25.41 1.56 -7.34
CA ALA C 288 -24.27 0.69 -7.64
C ALA C 288 -23.08 0.98 -6.72
N LEU C 289 -23.01 2.17 -6.14
CA LEU C 289 -21.96 2.47 -5.17
C LEU C 289 -22.35 2.01 -3.77
N GLU C 290 -23.63 2.13 -3.42
CA GLU C 290 -24.08 1.68 -2.11
C GLU C 290 -23.95 0.16 -1.96
N LEU C 291 -24.18 -0.58 -3.04
CA LEU C 291 -24.17 -2.04 -3.01
C LEU C 291 -22.84 -2.62 -3.49
N GLU C 292 -21.77 -1.83 -3.51
CA GLU C 292 -20.44 -2.26 -3.91
C GLU C 292 -20.40 -2.83 -5.33
N TYR C 293 -21.39 -2.51 -6.16
CA TYR C 293 -21.31 -2.89 -7.56
C TYR C 293 -20.24 -2.11 -8.31
N LEU C 294 -19.80 -0.99 -7.75
CA LEU C 294 -18.67 -0.24 -8.28
C LEU C 294 -17.63 0.00 -7.18
N1 1SI D . 20.17 -16.36 0.00
N3 1SI D . 21.98 -17.82 6.43
C4 1SI D . 20.05 -12.85 -3.23
C5 1SI D . 19.08 -13.48 -3.96
C6 1SI D . 18.66 -14.73 -3.54
C7 1SI D . 19.21 -15.31 -2.41
C8 1SI D . 19.95 -17.97 1.56
C10 1SI D . 19.68 -19.71 3.37
C13 1SI D . 23.10 -18.53 6.38
C15 1SI D . 22.82 -16.73 8.38
C17 1SI D . 24.12 -18.39 7.30
C1 1SI D . 20.78 -15.26 -0.47
C11 1SI D . 20.56 -20.22 4.36
C12 1SI D . 21.75 -19.56 4.19
C14 1SI D . 21.86 -16.94 7.43
C16 1SI D . 23.98 -17.48 8.31
C2 1SI D . 20.19 -14.63 -1.69
C3 1SI D . 20.61 -13.39 -2.11
C9 1SI D . 20.36 -18.79 2.66
F1 1SI D . 20.46 -11.63 -3.64
N2 1SI D . 20.68 -17.03 1.11
O1 1SI D . 21.76 -14.76 0.08
O2 1SI D . 21.64 -18.67 3.15
S1 1SI D . 23.27 -19.70 5.07
N1 1SI E . -0.14 7.45 15.14
N3 1SI E . 4.72 8.52 10.36
C4 1SI E . -4.69 8.47 16.22
C5 1SI E . -4.46 8.26 17.56
C6 1SI E . -3.20 7.85 17.95
C7 1SI E . -2.20 7.66 17.01
C8 1SI E . 2.07 7.20 14.78
C10 1SI E . 4.56 7.10 14.31
C13 1SI E . 4.96 7.40 9.70
C15 1SI E . 5.48 9.74 8.44
C17 1SI E . 5.46 7.37 8.40
C1 1SI E . -1.38 7.67 14.65
C11 1SI E . 5.29 6.74 13.17
C12 1SI E . 4.37 6.41 12.20
C14 1SI E . 4.98 9.67 9.73
C16 1SI E . 5.72 8.56 7.77
C2 1SI E . -2.46 7.88 15.66
C3 1SI E . -3.72 8.28 15.26
C9 1SI E . 3.24 6.97 14.01
F1 1SI E . -5.93 8.86 15.84
N2 1SI E . 0.90 7.20 14.25
O1 1SI E . -1.62 7.71 13.44
O2 1SI E . 3.11 6.56 12.70
S1 1SI E . 4.61 5.88 10.54
N1 1SI F . -25.61 22.05 -13.23
N3 1SI F . -31.46 19.06 -15.36
C4 1SI F . -23.72 24.80 -9.80
C5 1SI F . -22.57 25.00 -10.53
C6 1SI F . -22.45 24.35 -11.74
C7 1SI F . -23.47 23.53 -12.21
C8 1SI F . -26.51 21.02 -15.01
C10 1SI F . -27.63 19.95 -17.01
C13 1SI F . -31.35 17.74 -15.30
C15 1SI F . -33.84 18.82 -15.27
C17 1SI F . -32.45 16.90 -15.22
C1 1SI F . -25.70 22.46 -11.94
C11 1SI F . -28.52 18.88 -17.14
C12 1SI F . -28.74 18.39 -15.87
C14 1SI F . -32.70 19.58 -15.35
C16 1SI F . -33.71 17.45 -15.21
C2 1SI F . -24.61 23.35 -11.45
C3 1SI F . -24.74 23.99 -10.22
C9 1SI F . -27.35 20.09 -15.69
F1 1SI F . -23.84 25.43 -8.61
N2 1SI F . -26.54 21.16 -13.73
O1 1SI F . -26.64 22.13 -11.22
O2 1SI F . -28.02 19.14 -14.98
S1 1SI F . -29.72 17.05 -15.32
#